data_5NRH
#
_entry.id   5NRH
#
_cell.length_a   69.648
_cell.length_b   61.150
_cell.length_c   70.079
_cell.angle_alpha   90.00
_cell.angle_beta   90.17
_cell.angle_gamma   90.00
#
_symmetry.space_group_name_H-M   'P 1 21 1'
#
loop_
_entity.id
_entity.type
_entity.pdbx_description
1 polymer 'D-alanine--D-alanine ligase'
2 non-polymer 'ADENOSINE MONOPHOSPHATE'
3 non-polymer 'MAGNESIUM ION'
4 non-polymer 'SULFATE ION'
5 non-polymer 1,2-ETHANEDIOL
6 water water
#
_entity_poly.entity_id   1
_entity_poly.type   'polypeptide(L)'
_entity_poly.pdbx_seq_one_letter_code
;MSGIDPKRFGKVAVLLGGDSAEREVSLNSGRLVLQGLRDAGIDAHPFDPAQRPLAALKDEGFVRAFNALHGGYGENGQIQ
GALDFYGIRYTGSGVLGSALGLDKFRTKLVWQQTGIPTPPFETVMRGDDYAARAQDIVAKLGVPLFVKPASEGSSVAVEK
VKSADALPAALEEAAKHDKIVIVEKSIEGGGEYTACIAADLDLPLIRIVPAGEFYDYHAKYIANDTQYLIPCGLDAAKEA
EFKRIARRAFDVLGCTDWGRADFMLDAAGNPYFLEVNTAPGMTDHSLPPKAARAVGIGYSELVVKVLSLTLD
;
_entity_poly.pdbx_strand_id   A,B
#
loop_
_chem_comp.id
_chem_comp.type
_chem_comp.name
_chem_comp.formula
AMP non-polymer 'ADENOSINE MONOPHOSPHATE' 'C10 H14 N5 O7 P'
EDO non-polymer 1,2-ETHANEDIOL 'C2 H6 O2'
MG non-polymer 'MAGNESIUM ION' 'Mg 2'
SO4 non-polymer 'SULFATE ION' 'O4 S -2'
#
# COMPACT_ATOMS: atom_id res chain seq x y z
N GLY A 3 -13.67 27.90 12.96
CA GLY A 3 -14.33 29.11 12.35
C GLY A 3 -13.81 29.43 10.95
N ILE A 4 -14.13 28.53 10.01
CA ILE A 4 -13.72 28.58 8.59
C ILE A 4 -14.87 29.05 7.76
N ASP A 5 -14.65 30.06 6.92
CA ASP A 5 -15.65 30.55 6.01
C ASP A 5 -16.06 29.37 5.12
N PRO A 6 -17.36 29.03 5.08
CA PRO A 6 -17.71 27.81 4.27
C PRO A 6 -17.34 27.96 2.79
N LYS A 7 -17.16 29.17 2.30
CA LYS A 7 -16.68 29.42 0.93
C LYS A 7 -15.34 28.82 0.64
N ARG A 8 -14.49 28.69 1.64
CA ARG A 8 -13.16 28.14 1.47
C ARG A 8 -13.20 26.67 1.01
N PHE A 9 -14.29 25.98 1.33
CA PHE A 9 -14.46 24.62 0.87
C PHE A 9 -14.85 24.45 -0.59
N GLY A 10 -15.41 25.48 -1.20
CA GLY A 10 -15.78 25.36 -2.62
C GLY A 10 -16.88 24.32 -2.78
N LYS A 11 -16.92 23.78 -3.97
CA LYS A 11 -17.97 22.83 -4.37
C LYS A 11 -17.60 21.41 -3.96
N VAL A 12 -18.39 20.81 -3.07
CA VAL A 12 -18.07 19.60 -2.34
C VAL A 12 -19.01 18.48 -2.75
N ALA A 13 -18.42 17.31 -3.02
CA ALA A 13 -19.23 16.10 -3.25
C ALA A 13 -19.22 15.22 -2.00
N VAL A 14 -20.37 14.64 -1.67
CA VAL A 14 -20.40 13.59 -0.65
C VAL A 14 -20.56 12.27 -1.40
N LEU A 15 -19.50 11.45 -1.35
CA LEU A 15 -19.52 10.18 -2.06
C LEU A 15 -20.30 9.18 -1.20
N LEU A 16 -21.38 8.64 -1.72
CA LEU A 16 -22.24 7.76 -1.00
C LEU A 16 -22.85 6.72 -1.86
N GLY A 17 -23.28 5.62 -1.26
CA GLY A 17 -23.94 4.56 -1.99
C GLY A 17 -22.94 3.55 -2.48
N GLY A 18 -22.61 3.63 -3.77
CA GLY A 18 -21.72 2.63 -4.37
C GLY A 18 -22.36 1.31 -4.63
N ASP A 19 -21.52 0.30 -4.90
CA ASP A 19 -21.92 -1.04 -5.36
CA ASP A 19 -21.99 -1.04 -5.35
C ASP A 19 -21.69 -2.11 -4.30
N SER A 20 -21.00 -1.77 -3.22
CA SER A 20 -20.55 -2.79 -2.26
C SER A 20 -21.71 -3.33 -1.40
N ALA A 21 -21.42 -4.41 -0.68
CA ALA A 21 -22.36 -4.98 0.28
C ALA A 21 -22.70 -4.04 1.42
N GLU A 22 -21.98 -2.92 1.53
CA GLU A 22 -22.25 -1.91 2.57
C GLU A 22 -22.82 -0.65 1.97
N ARG A 23 -23.51 -0.80 0.83
CA ARG A 23 -24.21 0.34 0.18
C ARG A 23 -25.18 1.02 1.19
N GLU A 24 -25.93 0.21 1.93
CA GLU A 24 -26.97 0.82 2.78
CA GLU A 24 -26.97 0.69 2.86
C GLU A 24 -26.40 1.59 4.00
N VAL A 25 -25.32 1.19 4.66
CA VAL A 25 -24.72 1.97 5.74
C VAL A 25 -24.14 3.23 5.11
N SER A 26 -23.60 3.11 3.90
CA SER A 26 -23.05 4.26 3.18
C SER A 26 -24.12 5.26 2.82
N LEU A 27 -25.26 4.80 2.28
CA LEU A 27 -26.34 5.75 1.99
C LEU A 27 -26.75 6.51 3.28
N ASN A 28 -26.89 5.76 4.37
CA ASN A 28 -27.30 6.36 5.67
C ASN A 28 -26.27 7.38 6.15
N SER A 29 -25.04 6.99 6.18
CA SER A 29 -23.95 7.84 6.63
C SER A 29 -23.89 9.10 5.70
N GLY A 30 -23.87 8.86 4.39
CA GLY A 30 -23.67 9.96 3.45
C GLY A 30 -24.78 10.98 3.47
N ARG A 31 -26.02 10.53 3.62
CA ARG A 31 -27.13 11.50 3.71
C ARG A 31 -26.96 12.37 4.95
N LEU A 32 -26.50 11.81 6.06
CA LEU A 32 -26.29 12.60 7.25
C LEU A 32 -25.10 13.51 7.15
N VAL A 33 -24.03 13.06 6.49
CA VAL A 33 -22.88 13.87 6.28
C VAL A 33 -23.27 15.07 5.42
N LEU A 34 -24.00 14.80 4.34
CA LEU A 34 -24.46 15.83 3.45
C LEU A 34 -25.24 16.94 4.26
N GLN A 35 -26.15 16.50 5.15
CA GLN A 35 -26.92 17.48 5.92
C GLN A 35 -25.96 18.22 6.87
N GLY A 36 -25.04 17.53 7.50
CA GLY A 36 -24.07 18.19 8.33
C GLY A 36 -23.26 19.29 7.69
N LEU A 37 -22.82 19.01 6.46
CA LEU A 37 -22.10 20.01 5.69
C LEU A 37 -23.02 21.17 5.29
N ARG A 38 -24.22 20.85 4.84
CA ARG A 38 -25.12 21.95 4.39
C ARG A 38 -25.57 22.76 5.63
N ASP A 39 -25.67 22.15 6.82
CA ASP A 39 -25.98 22.90 8.05
C ASP A 39 -24.92 23.92 8.33
N ALA A 40 -23.69 23.70 7.90
CA ALA A 40 -22.61 24.66 8.05
C ALA A 40 -22.51 25.68 6.90
N GLY A 41 -23.46 25.62 5.96
CA GLY A 41 -23.49 26.49 4.76
C GLY A 41 -22.48 26.15 3.70
N ILE A 42 -22.05 24.88 3.66
CA ILE A 42 -21.08 24.43 2.67
C ILE A 42 -21.84 23.95 1.41
N ASP A 43 -21.24 24.22 0.23
CA ASP A 43 -21.84 23.93 -1.05
C ASP A 43 -21.62 22.44 -1.39
N ALA A 44 -22.38 21.58 -0.72
CA ALA A 44 -22.22 20.18 -0.80
C ALA A 44 -23.36 19.52 -1.53
N HIS A 45 -23.02 18.42 -2.24
CA HIS A 45 -23.97 17.73 -3.10
C HIS A 45 -23.68 16.23 -3.05
N PRO A 46 -24.72 15.42 -3.11
CA PRO A 46 -24.48 14.01 -3.13
C PRO A 46 -23.91 13.56 -4.47
N PHE A 47 -23.15 12.46 -4.42
CA PHE A 47 -22.54 11.88 -5.65
C PHE A 47 -22.40 10.39 -5.44
N ASP A 48 -23.24 9.61 -6.09
CA ASP A 48 -23.16 8.20 -5.94
C ASP A 48 -22.38 7.65 -7.15
N PRO A 49 -21.14 7.15 -6.88
CA PRO A 49 -20.34 6.67 -8.04
C PRO A 49 -20.86 5.44 -8.73
N ALA A 50 -21.85 4.74 -8.16
CA ALA A 50 -22.41 3.63 -8.84
C ALA A 50 -23.35 4.09 -9.91
N GLN A 51 -23.81 5.35 -9.81
CA GLN A 51 -24.88 5.86 -10.66
C GLN A 51 -24.63 7.14 -11.39
N ARG A 52 -23.43 7.60 -11.35
CA ARG A 52 -23.00 8.81 -12.01
C ARG A 52 -21.62 8.52 -12.50
N PRO A 53 -21.22 9.08 -13.65
CA PRO A 53 -19.86 8.85 -14.10
C PRO A 53 -18.84 9.57 -13.23
N LEU A 54 -17.77 8.89 -12.82
CA LEU A 54 -16.82 9.53 -11.91
C LEU A 54 -16.17 10.78 -12.43
N ALA A 55 -15.93 10.81 -13.76
CA ALA A 55 -15.29 11.97 -14.39
C ALA A 55 -16.10 13.24 -14.19
N ALA A 56 -17.39 13.10 -13.95
CA ALA A 56 -18.24 14.30 -13.66
C ALA A 56 -17.77 15.08 -12.46
N LEU A 57 -17.06 14.42 -11.52
CA LEU A 57 -16.51 15.23 -10.41
C LEU A 57 -15.62 16.33 -10.95
N LYS A 58 -14.69 15.99 -11.85
CA LYS A 58 -13.80 16.99 -12.42
C LYS A 58 -14.59 17.89 -13.39
N ASP A 59 -15.40 17.27 -14.25
CA ASP A 59 -16.04 18.04 -15.33
C ASP A 59 -17.03 19.06 -14.75
N GLU A 60 -17.72 18.71 -13.63
CA GLU A 60 -18.69 19.64 -13.01
C GLU A 60 -18.03 20.56 -12.02
N GLY A 61 -16.72 20.48 -11.87
CA GLY A 61 -16.00 21.42 -11.03
C GLY A 61 -16.00 21.17 -9.53
N PHE A 62 -16.26 19.97 -9.09
CA PHE A 62 -16.12 19.64 -7.67
C PHE A 62 -14.61 19.73 -7.34
N VAL A 63 -14.27 20.32 -6.20
CA VAL A 63 -12.90 20.45 -5.78
C VAL A 63 -12.49 19.38 -4.74
N ARG A 64 -13.48 18.89 -4.00
CA ARG A 64 -13.18 17.97 -2.93
C ARG A 64 -14.38 17.12 -2.66
N ALA A 65 -14.12 16.04 -1.97
CA ALA A 65 -15.13 15.07 -1.65
C ALA A 65 -15.00 14.56 -0.20
N PHE A 66 -16.16 14.48 0.45
CA PHE A 66 -16.25 13.74 1.71
C PHE A 66 -16.63 12.30 1.37
N ASN A 67 -15.64 11.39 1.66
CA ASN A 67 -15.91 10.01 1.34
C ASN A 67 -16.78 9.34 2.43
N ALA A 68 -18.01 8.99 2.09
CA ALA A 68 -18.91 8.24 2.98
C ALA A 68 -19.18 6.87 2.42
N LEU A 69 -18.31 6.38 1.51
CA LEU A 69 -18.42 5.03 1.03
C LEU A 69 -17.85 4.05 2.07
N HIS A 70 -18.30 2.80 1.98
CA HIS A 70 -17.81 1.73 2.83
C HIS A 70 -17.72 0.44 2.01
N GLY A 71 -16.59 -0.26 2.13
CA GLY A 71 -16.36 -1.52 1.45
C GLY A 71 -15.97 -1.33 -0.02
N GLY A 72 -15.42 -2.38 -0.56
CA GLY A 72 -14.98 -2.42 -1.98
C GLY A 72 -14.10 -1.25 -2.40
N TYR A 73 -14.39 -0.68 -3.57
CA TYR A 73 -13.63 0.42 -4.15
C TYR A 73 -13.66 1.66 -3.33
N GLY A 74 -14.69 1.79 -2.43
CA GLY A 74 -14.75 3.03 -1.67
C GLY A 74 -13.73 3.14 -0.55
N GLU A 75 -13.19 1.96 -0.15
CA GLU A 75 -12.35 1.87 1.02
C GLU A 75 -10.95 1.36 0.80
N ASN A 76 -10.72 0.72 -0.35
CA ASN A 76 -9.50 -0.09 -0.56
C ASN A 76 -8.42 0.55 -1.36
N GLY A 77 -8.56 1.83 -1.67
CA GLY A 77 -7.54 2.53 -2.42
C GLY A 77 -7.92 2.79 -3.83
N GLN A 78 -8.92 2.07 -4.33
CA GLN A 78 -9.27 2.16 -5.77
C GLN A 78 -9.91 3.55 -6.06
N ILE A 79 -10.97 3.93 -5.33
CA ILE A 79 -11.56 5.23 -5.63
C ILE A 79 -10.56 6.33 -5.19
N GLN A 80 -9.77 6.09 -4.17
CA GLN A 80 -8.76 7.06 -3.71
C GLN A 80 -7.80 7.39 -4.86
N GLY A 81 -7.33 6.32 -5.54
CA GLY A 81 -6.45 6.51 -6.67
C GLY A 81 -7.11 7.25 -7.78
N ALA A 82 -8.35 6.86 -8.09
CA ALA A 82 -9.06 7.56 -9.17
C ALA A 82 -9.25 9.06 -8.82
N LEU A 83 -9.59 9.40 -7.56
CA LEU A 83 -9.78 10.78 -7.18
C LEU A 83 -8.50 11.56 -7.28
N ASP A 84 -7.35 10.95 -6.88
CA ASP A 84 -6.08 11.60 -7.03
C ASP A 84 -5.79 11.84 -8.52
N PHE A 85 -6.09 10.84 -9.35
CA PHE A 85 -5.86 10.96 -10.79
C PHE A 85 -6.66 12.11 -11.37
N TYR A 86 -7.92 12.27 -10.93
CA TYR A 86 -8.78 13.36 -11.39
C TYR A 86 -8.58 14.69 -10.64
N GLY A 87 -7.63 14.78 -9.72
CA GLY A 87 -7.33 16.02 -9.00
C GLY A 87 -8.37 16.46 -7.97
N ILE A 88 -9.14 15.54 -7.44
CA ILE A 88 -10.18 15.82 -6.48
C ILE A 88 -9.62 15.45 -5.09
N ARG A 89 -9.55 16.42 -4.19
CA ARG A 89 -9.15 16.17 -2.80
CA ARG A 89 -9.13 16.19 -2.80
C ARG A 89 -10.25 15.38 -2.09
N TYR A 90 -9.86 14.57 -1.09
CA TYR A 90 -10.84 13.76 -0.42
C TYR A 90 -10.45 13.54 1.04
N THR A 91 -11.47 13.22 1.84
CA THR A 91 -11.30 12.90 3.23
C THR A 91 -10.65 11.51 3.37
N GLY A 92 -10.05 11.34 4.54
CA GLY A 92 -9.48 10.04 4.87
C GLY A 92 -8.17 9.78 4.20
N SER A 93 -7.79 8.51 4.15
CA SER A 93 -6.46 8.11 3.77
C SER A 93 -6.29 8.00 2.31
N GLY A 94 -5.03 8.11 1.89
CA GLY A 94 -4.69 7.99 0.46
C GLY A 94 -4.56 6.50 0.05
N VAL A 95 -3.94 6.27 -1.10
CA VAL A 95 -3.98 4.96 -1.71
C VAL A 95 -3.28 3.91 -0.81
N LEU A 96 -2.05 4.22 -0.41
CA LEU A 96 -1.33 3.25 0.43
C LEU A 96 -2.01 2.95 1.75
N GLY A 97 -2.40 4.00 2.46
CA GLY A 97 -3.04 3.80 3.73
C GLY A 97 -4.31 3.05 3.65
N SER A 98 -5.12 3.35 2.63
CA SER A 98 -6.34 2.67 2.47
C SER A 98 -6.13 1.17 2.17
N ALA A 99 -5.26 0.90 1.18
CA ALA A 99 -5.00 -0.49 0.84
C ALA A 99 -4.34 -1.30 1.99
N LEU A 100 -3.35 -0.66 2.59
CA LEU A 100 -2.65 -1.35 3.71
C LEU A 100 -3.56 -1.59 4.87
N GLY A 101 -4.45 -0.62 5.15
CA GLY A 101 -5.40 -0.82 6.27
C GLY A 101 -6.32 -2.03 6.13
N LEU A 102 -6.66 -2.41 4.91
CA LEU A 102 -7.46 -3.59 4.68
C LEU A 102 -6.64 -4.86 4.64
N ASP A 103 -5.35 -4.76 4.71
CA ASP A 103 -4.49 -5.95 4.65
C ASP A 103 -3.93 -6.18 6.04
N LYS A 104 -4.62 -7.06 6.76
CA LYS A 104 -4.21 -7.30 8.16
CA LYS A 104 -4.21 -7.30 8.16
C LYS A 104 -2.81 -7.88 8.25
N PHE A 105 -2.42 -8.69 7.25
CA PHE A 105 -1.06 -9.28 7.28
C PHE A 105 0.03 -8.22 7.24
N ARG A 106 -0.03 -7.36 6.18
CA ARG A 106 1.03 -6.41 6.06
C ARG A 106 0.90 -5.28 7.13
N THR A 107 -0.33 -5.00 7.55
CA THR A 107 -0.49 -4.06 8.71
C THR A 107 0.30 -4.61 9.91
N LYS A 108 0.08 -5.89 10.22
CA LYS A 108 0.73 -6.44 11.43
C LYS A 108 2.22 -6.53 11.29
N LEU A 109 2.71 -6.78 10.05
CA LEU A 109 4.18 -6.78 9.86
C LEU A 109 4.77 -5.42 10.17
N VAL A 110 4.12 -4.39 9.57
CA VAL A 110 4.61 -3.05 9.82
C VAL A 110 4.58 -2.67 11.34
N TRP A 111 3.46 -3.04 11.95
CA TRP A 111 3.35 -2.80 13.42
C TRP A 111 4.46 -3.49 14.20
N GLN A 112 4.72 -4.79 13.86
CA GLN A 112 5.77 -5.48 14.60
C GLN A 112 7.12 -4.85 14.43
N GLN A 113 7.39 -4.31 13.25
CA GLN A 113 8.68 -3.70 13.00
C GLN A 113 8.87 -2.32 13.63
N THR A 114 7.73 -1.68 13.96
CA THR A 114 7.74 -0.31 14.40
C THR A 114 7.31 -0.18 15.89
N GLY A 115 7.20 -1.33 16.56
CA GLY A 115 6.89 -1.38 17.98
C GLY A 115 5.48 -1.08 18.32
N ILE A 116 4.53 -1.25 17.44
CA ILE A 116 3.11 -1.15 17.75
C ILE A 116 2.68 -2.54 18.19
N PRO A 117 2.15 -2.72 19.39
CA PRO A 117 1.85 -4.05 19.86
C PRO A 117 0.65 -4.65 19.15
N THR A 118 0.70 -5.94 18.81
CA THR A 118 -0.31 -6.59 18.08
C THR A 118 -0.26 -8.10 18.45
N PRO A 119 -1.36 -8.81 18.34
CA PRO A 119 -1.26 -10.23 18.81
C PRO A 119 -0.20 -11.01 18.08
N PRO A 120 0.57 -11.83 18.78
CA PRO A 120 1.52 -12.80 18.13
C PRO A 120 0.74 -13.60 17.15
N PHE A 121 1.36 -13.95 16.02
CA PHE A 121 0.59 -14.64 15.01
C PHE A 121 1.52 -15.46 14.08
N GLU A 122 0.84 -16.35 13.39
CA GLU A 122 1.48 -17.12 12.31
C GLU A 122 0.60 -17.02 11.12
N THR A 123 1.18 -17.43 9.99
CA THR A 123 0.42 -17.51 8.71
C THR A 123 0.36 -18.88 8.18
N VAL A 124 -0.73 -19.12 7.43
CA VAL A 124 -0.94 -20.37 6.72
C VAL A 124 -1.35 -20.00 5.32
N MET A 125 -0.78 -20.72 4.35
CA MET A 125 -0.99 -20.44 2.95
C MET A 125 -1.84 -21.57 2.41
N ARG A 126 -2.64 -21.21 1.40
CA ARG A 126 -3.39 -22.22 0.70
C ARG A 126 -2.44 -23.30 0.12
N GLY A 127 -2.77 -24.58 0.31
CA GLY A 127 -1.93 -25.72 -0.08
C GLY A 127 -0.94 -26.23 0.96
N ASP A 128 -0.87 -25.58 2.13
CA ASP A 128 -0.06 -26.06 3.19
C ASP A 128 -0.60 -27.39 3.72
N ASP A 129 0.27 -28.06 4.48
CA ASP A 129 -0.15 -29.20 5.24
C ASP A 129 -0.79 -28.59 6.49
N TYR A 130 -2.10 -28.57 6.46
CA TYR A 130 -2.83 -27.83 7.54
C TYR A 130 -2.66 -28.49 8.89
N ALA A 131 -2.64 -29.81 8.95
CA ALA A 131 -2.39 -30.55 10.24
C ALA A 131 -1.01 -30.23 10.79
N ALA A 132 0.02 -30.21 9.94
CA ALA A 132 1.39 -29.91 10.35
C ALA A 132 1.53 -28.48 10.82
N ARG A 133 0.93 -27.58 10.04
CA ARG A 133 0.97 -26.16 10.45
C ARG A 133 0.25 -25.96 11.78
N ALA A 134 -0.89 -26.60 11.93
CA ALA A 134 -1.69 -26.49 13.19
C ALA A 134 -0.87 -26.94 14.39
N GLN A 135 -0.15 -28.07 14.29
CA GLN A 135 0.70 -28.47 15.41
C GLN A 135 1.73 -27.46 15.78
N ASP A 136 2.41 -26.90 14.79
CA ASP A 136 3.47 -25.95 15.05
C ASP A 136 2.88 -24.66 15.64
N ILE A 137 1.70 -24.25 15.14
CA ILE A 137 1.10 -22.98 15.59
C ILE A 137 0.61 -23.14 17.04
N VAL A 138 -0.03 -24.24 17.35
CA VAL A 138 -0.46 -24.46 18.74
C VAL A 138 0.74 -24.50 19.67
N ALA A 139 1.82 -25.16 19.22
CA ALA A 139 3.00 -25.26 20.09
C ALA A 139 3.56 -23.89 20.44
N LYS A 140 3.50 -22.97 19.49
CA LYS A 140 4.06 -21.65 19.66
C LYS A 140 3.10 -20.72 20.43
N LEU A 141 1.82 -20.76 20.08
CA LEU A 141 0.83 -19.79 20.52
C LEU A 141 -0.19 -20.25 21.48
N GLY A 142 -0.31 -21.54 21.65
CA GLY A 142 -1.36 -22.12 22.47
C GLY A 142 -2.76 -21.98 21.91
N VAL A 143 -3.77 -22.22 22.73
CA VAL A 143 -5.13 -21.98 22.40
C VAL A 143 -5.77 -21.14 23.48
N PRO A 144 -6.84 -20.36 23.26
CA PRO A 144 -7.48 -20.19 21.95
C PRO A 144 -6.73 -19.33 20.96
N LEU A 145 -7.24 -19.43 19.71
CA LEU A 145 -6.67 -18.72 18.56
C LEU A 145 -7.79 -18.06 17.78
N PHE A 146 -7.45 -16.99 17.09
CA PHE A 146 -8.34 -16.37 16.12
C PHE A 146 -7.75 -16.62 14.70
N VAL A 147 -8.62 -17.21 13.88
CA VAL A 147 -8.26 -17.54 12.47
C VAL A 147 -9.02 -16.52 11.61
N LYS A 148 -8.28 -15.75 10.80
CA LYS A 148 -8.91 -14.65 10.05
C LYS A 148 -8.20 -14.48 8.68
N PRO A 149 -8.91 -13.81 7.74
CA PRO A 149 -8.28 -13.57 6.47
C PRO A 149 -7.20 -12.53 6.57
N ALA A 150 -6.14 -12.69 5.75
CA ALA A 150 -4.87 -11.89 5.74
C ALA A 150 -5.07 -10.69 4.96
N SER A 151 -6.00 -10.77 4.04
N SER A 151 -6.00 -10.72 3.96
CA SER A 151 -7.11 -10.07 4.39
CA SER A 151 -6.19 -9.65 3.06
C SER A 151 -7.64 -9.59 3.09
C SER A 151 -7.66 -9.22 2.61
N GLU A 152 -8.92 -9.52 3.05
CA GLU A 152 -9.65 -9.56 4.32
C GLU A 152 -10.95 -10.31 4.15
N GLY A 153 -11.82 -10.04 5.12
CA GLY A 153 -13.16 -10.57 5.18
C GLY A 153 -13.74 -10.69 3.81
N SER A 154 -13.69 -11.92 3.30
CA SER A 154 -14.24 -12.23 2.05
C SER A 154 -14.47 -13.69 2.20
N SER A 155 -15.75 -14.01 2.17
CA SER A 155 -16.32 -15.30 2.43
C SER A 155 -16.23 -15.72 3.86
N VAL A 156 -15.02 -15.97 4.38
CA VAL A 156 -14.96 -16.72 5.62
C VAL A 156 -14.77 -15.84 6.86
N ALA A 157 -15.80 -15.89 7.73
CA ALA A 157 -15.84 -15.11 8.98
C ALA A 157 -14.69 -15.46 9.91
N VAL A 158 -14.27 -14.53 10.74
CA VAL A 158 -13.29 -14.77 11.80
C VAL A 158 -13.81 -15.92 12.68
N GLU A 159 -12.91 -16.82 13.06
CA GLU A 159 -13.29 -17.99 13.88
C GLU A 159 -12.37 -18.04 15.09
N LYS A 160 -12.98 -18.24 16.27
CA LYS A 160 -12.22 -18.46 17.49
C LYS A 160 -12.11 -19.95 17.69
N VAL A 161 -10.88 -20.45 17.63
CA VAL A 161 -10.64 -21.90 17.73
C VAL A 161 -10.18 -22.14 19.19
N LYS A 162 -10.89 -23.02 19.87
CA LYS A 162 -10.64 -23.28 21.31
C LYS A 162 -9.85 -24.52 21.60
N SER A 163 -9.72 -25.37 20.59
CA SER A 163 -9.07 -26.62 20.84
C SER A 163 -8.11 -26.90 19.73
N ALA A 164 -7.01 -27.50 20.07
CA ALA A 164 -5.93 -27.82 19.12
C ALA A 164 -6.47 -28.71 18.04
N ASP A 165 -7.33 -29.66 18.38
CA ASP A 165 -7.78 -30.59 17.38
C ASP A 165 -8.73 -30.00 16.32
N ALA A 166 -9.30 -28.83 16.63
CA ALA A 166 -10.21 -28.15 15.70
C ALA A 166 -9.45 -27.23 14.73
N LEU A 167 -8.19 -26.98 14.97
CA LEU A 167 -7.47 -26.00 14.18
C LEU A 167 -7.26 -26.44 12.73
N PRO A 168 -6.92 -27.69 12.45
CA PRO A 168 -6.72 -28.04 10.98
C PRO A 168 -7.88 -27.75 10.14
N ALA A 169 -9.08 -28.12 10.56
CA ALA A 169 -10.28 -27.82 9.74
C ALA A 169 -10.50 -26.33 9.55
N ALA A 170 -10.29 -25.54 10.61
CA ALA A 170 -10.47 -24.08 10.52
C ALA A 170 -9.48 -23.49 9.55
N LEU A 171 -8.25 -23.99 9.58
CA LEU A 171 -7.25 -23.53 8.60
C LEU A 171 -7.58 -23.87 7.19
N GLU A 172 -8.04 -25.09 6.97
CA GLU A 172 -8.35 -25.49 5.60
C GLU A 172 -9.49 -24.66 5.07
N GLU A 173 -10.52 -24.47 5.86
CA GLU A 173 -11.64 -23.64 5.39
C GLU A 173 -11.26 -22.19 5.13
N ALA A 174 -10.48 -21.58 5.99
CA ALA A 174 -10.08 -20.18 5.77
C ALA A 174 -9.22 -20.09 4.49
N ALA A 175 -8.32 -21.07 4.30
CA ALA A 175 -7.41 -21.06 3.12
C ALA A 175 -8.13 -21.32 1.81
N LYS A 176 -9.31 -21.94 1.84
CA LYS A 176 -10.17 -22.00 0.64
C LYS A 176 -10.63 -20.62 0.16
N HIS A 177 -10.68 -19.62 1.07
CA HIS A 177 -11.22 -18.33 0.60
C HIS A 177 -10.26 -17.14 0.71
N ASP A 178 -9.06 -17.32 1.26
CA ASP A 178 -7.94 -16.31 1.15
C ASP A 178 -6.70 -17.13 0.97
N LYS A 179 -5.78 -16.67 0.13
CA LYS A 179 -4.53 -17.39 -0.10
C LYS A 179 -3.60 -17.28 1.11
N ILE A 180 -3.83 -16.26 1.96
CA ILE A 180 -3.11 -16.08 3.24
C ILE A 180 -4.12 -15.96 4.40
N VAL A 181 -3.87 -16.80 5.39
CA VAL A 181 -4.64 -16.87 6.60
C VAL A 181 -3.76 -16.42 7.77
N ILE A 182 -4.31 -15.56 8.62
CA ILE A 182 -3.66 -15.13 9.90
C ILE A 182 -4.22 -15.97 11.02
N VAL A 183 -3.31 -16.42 11.87
CA VAL A 183 -3.71 -17.15 13.11
C VAL A 183 -3.04 -16.43 14.25
N GLU A 184 -3.92 -15.74 15.05
CA GLU A 184 -3.45 -14.93 16.16
C GLU A 184 -3.69 -15.61 17.52
N LYS A 185 -2.74 -15.38 18.41
CA LYS A 185 -3.00 -15.65 19.81
C LYS A 185 -4.27 -14.87 20.27
N SER A 186 -5.17 -15.51 20.98
CA SER A 186 -6.32 -14.83 21.57
C SER A 186 -5.87 -14.00 22.75
N ILE A 187 -6.19 -12.72 22.74
CA ILE A 187 -5.93 -11.84 23.85
C ILE A 187 -7.11 -11.91 24.81
N GLU A 188 -6.83 -12.47 26.00
CA GLU A 188 -7.85 -12.88 27.01
C GLU A 188 -7.65 -12.06 28.27
N GLY A 189 -8.74 -11.96 29.01
CA GLY A 189 -8.78 -11.52 30.38
C GLY A 189 -8.83 -10.03 30.57
N GLY A 190 -9.03 -9.28 29.50
CA GLY A 190 -9.14 -7.84 29.57
C GLY A 190 -10.44 -7.39 28.98
N GLY A 191 -10.35 -6.53 28.02
CA GLY A 191 -11.49 -5.94 27.37
C GLY A 191 -11.08 -5.51 25.95
N GLU A 192 -12.09 -5.03 25.25
CA GLU A 192 -11.95 -4.57 23.85
C GLU A 192 -12.27 -3.10 23.75
N TYR A 193 -11.51 -2.38 22.95
CA TYR A 193 -11.59 -0.95 22.88
C TYR A 193 -11.42 -0.45 21.45
N THR A 194 -11.84 0.77 21.16
CA THR A 194 -11.50 1.45 19.93
C THR A 194 -11.17 2.89 20.17
N ALA A 195 -10.22 3.42 19.45
CA ALA A 195 -9.79 4.81 19.49
C ALA A 195 -10.22 5.48 18.20
N CYS A 196 -11.19 6.39 18.22
CA CYS A 196 -11.56 7.18 17.08
C CYS A 196 -10.56 8.30 16.96
N ILE A 197 -10.23 8.58 15.68
CA ILE A 197 -9.27 9.59 15.30
C ILE A 197 -9.93 10.53 14.31
N ALA A 198 -9.86 11.82 14.62
CA ALA A 198 -10.41 12.83 13.74
C ALA A 198 -9.58 14.06 13.85
N ALA A 199 -8.72 14.30 12.91
CA ALA A 199 -7.81 15.41 13.01
C ALA A 199 -7.05 15.42 14.38
N ASP A 200 -6.92 16.57 15.02
CA ASP A 200 -6.35 16.67 16.34
C ASP A 200 -7.39 16.66 17.43
N LEU A 201 -8.66 16.35 17.10
CA LEU A 201 -9.66 16.26 18.18
C LEU A 201 -9.28 15.25 19.27
N ASP A 202 -9.50 15.60 20.55
CA ASP A 202 -9.19 14.68 21.65
C ASP A 202 -10.41 13.82 21.91
N LEU A 203 -10.62 12.74 21.21
CA LEU A 203 -11.76 11.92 21.31
C LEU A 203 -11.53 10.81 22.33
N PRO A 204 -12.49 10.51 23.18
CA PRO A 204 -12.31 9.46 24.19
C PRO A 204 -12.31 8.07 23.60
N LEU A 205 -11.62 7.18 24.30
CA LEU A 205 -11.70 5.75 23.99
C LEU A 205 -13.09 5.23 24.22
N ILE A 206 -13.53 4.21 23.50
CA ILE A 206 -14.75 3.51 23.70
C ILE A 206 -14.47 2.10 24.08
N ARG A 207 -15.07 1.59 25.13
CA ARG A 207 -14.98 0.12 25.45
C ARG A 207 -16.16 -0.57 24.77
N ILE A 208 -15.83 -1.62 23.97
CA ILE A 208 -16.81 -2.41 23.27
C ILE A 208 -17.08 -3.66 24.07
N VAL A 209 -18.32 -3.89 24.47
CA VAL A 209 -18.65 -5.03 25.30
C VAL A 209 -19.71 -5.85 24.58
N PRO A 210 -19.24 -6.89 23.82
CA PRO A 210 -20.17 -7.83 23.21
C PRO A 210 -20.88 -8.68 24.24
N ALA A 211 -22.12 -9.11 24.00
CA ALA A 211 -22.79 -10.01 25.00
C ALA A 211 -22.27 -11.45 24.94
N GLY A 212 -21.74 -11.83 23.78
CA GLY A 212 -21.26 -13.18 23.51
C GLY A 212 -19.76 -13.24 23.53
N GLU A 213 -19.21 -14.25 22.83
CA GLU A 213 -17.79 -14.59 22.94
C GLU A 213 -16.86 -13.44 22.51
N PHE A 214 -17.18 -12.80 21.38
CA PHE A 214 -16.33 -11.78 20.82
C PHE A 214 -17.18 -10.85 20.00
N TYR A 215 -16.58 -9.81 19.42
CA TYR A 215 -17.34 -8.84 18.64
C TYR A 215 -17.55 -9.39 17.23
N ASP A 216 -18.47 -10.32 17.17
CA ASP A 216 -18.77 -11.12 15.98
C ASP A 216 -19.84 -10.39 15.16
N TYR A 217 -20.22 -10.97 14.02
CA TYR A 217 -21.28 -10.38 13.20
C TYR A 217 -22.55 -10.19 14.02
N HIS A 218 -22.91 -11.18 14.82
CA HIS A 218 -24.08 -11.07 15.64
C HIS A 218 -24.01 -9.83 16.57
N ALA A 219 -22.89 -9.63 17.22
CA ALA A 219 -22.74 -8.47 18.15
C ALA A 219 -22.72 -7.15 17.42
N LYS A 220 -22.22 -7.12 16.18
CA LYS A 220 -22.16 -5.90 15.42
C LYS A 220 -23.49 -5.54 14.81
N TYR A 221 -24.21 -6.49 14.23
CA TYR A 221 -25.37 -6.19 13.39
C TYR A 221 -26.73 -6.76 13.80
N ILE A 222 -26.76 -7.73 14.68
CA ILE A 222 -28.01 -8.41 15.02
C ILE A 222 -28.47 -8.02 16.43
N ALA A 223 -27.59 -8.16 17.38
CA ALA A 223 -27.90 -7.90 18.79
C ALA A 223 -28.18 -6.43 19.03
N ASN A 224 -29.06 -6.18 20.01
CA ASN A 224 -29.28 -4.80 20.39
C ASN A 224 -28.56 -4.53 21.71
N ASP A 225 -27.82 -5.50 22.22
CA ASP A 225 -27.23 -5.37 23.55
C ASP A 225 -25.69 -5.28 23.64
N THR A 226 -25.02 -5.02 22.53
CA THR A 226 -23.62 -4.64 22.59
C THR A 226 -23.48 -3.27 23.20
N GLN A 227 -22.56 -3.17 24.14
CA GLN A 227 -22.35 -1.89 24.79
C GLN A 227 -21.17 -1.18 24.18
N TYR A 228 -21.26 0.14 24.08
CA TYR A 228 -20.24 0.98 23.57
C TYR A 228 -20.07 2.03 24.65
N LEU A 229 -19.09 1.92 25.52
CA LEU A 229 -19.05 2.64 26.76
C LEU A 229 -18.04 3.77 26.74
N ILE A 230 -18.53 4.98 27.08
CA ILE A 230 -17.75 6.11 27.42
C ILE A 230 -18.35 6.58 28.79
N PRO A 231 -17.54 6.68 29.83
CA PRO A 231 -16.13 6.47 29.86
C PRO A 231 -15.77 4.99 29.61
N CYS A 232 -14.57 4.75 29.11
CA CYS A 232 -14.15 3.35 28.80
C CYS A 232 -13.76 2.55 30.02
N GLY A 233 -13.57 3.20 31.18
CA GLY A 233 -13.23 2.54 32.42
C GLY A 233 -11.74 2.57 32.78
N LEU A 234 -10.87 2.88 31.82
CA LEU A 234 -9.47 2.96 32.08
C LEU A 234 -9.09 4.22 32.82
N ASP A 235 -7.98 4.17 33.51
CA ASP A 235 -7.44 5.35 34.17
C ASP A 235 -6.92 6.37 33.15
N ALA A 236 -6.77 7.61 33.58
CA ALA A 236 -6.44 8.72 32.72
C ALA A 236 -5.11 8.45 32.03
N ALA A 237 -4.13 7.98 32.76
CA ALA A 237 -2.79 7.79 32.20
C ALA A 237 -2.86 6.71 31.11
N LYS A 238 -3.52 5.60 31.39
CA LYS A 238 -3.63 4.54 30.38
C LYS A 238 -4.42 5.01 29.18
N GLU A 239 -5.53 5.72 29.38
CA GLU A 239 -6.29 6.24 28.29
C GLU A 239 -5.43 7.15 27.41
N ALA A 240 -4.65 8.01 27.98
CA ALA A 240 -3.78 8.89 27.20
C ALA A 240 -2.75 8.08 26.44
N GLU A 241 -2.17 7.09 27.11
CA GLU A 241 -1.14 6.25 26.49
C GLU A 241 -1.70 5.51 25.30
N PHE A 242 -2.86 4.91 25.42
CA PHE A 242 -3.40 4.12 24.35
C PHE A 242 -3.87 4.98 23.23
N LYS A 243 -4.41 6.18 23.49
CA LYS A 243 -4.71 7.11 22.41
C LYS A 243 -3.47 7.48 21.63
N ARG A 244 -2.35 7.63 22.29
CA ARG A 244 -1.11 7.99 21.61
C ARG A 244 -0.64 6.83 20.76
N ILE A 245 -0.65 5.61 21.32
CA ILE A 245 -0.19 4.44 20.52
C ILE A 245 -1.14 4.27 19.33
N ALA A 246 -2.46 4.45 19.54
CA ALA A 246 -3.42 4.32 18.44
C ALA A 246 -3.08 5.24 17.29
N ARG A 247 -2.75 6.51 17.61
CA ARG A 247 -2.39 7.44 16.55
C ARG A 247 -1.09 7.06 15.85
N ARG A 248 -0.11 6.57 16.59
CA ARG A 248 1.10 6.07 15.92
C ARG A 248 0.79 4.84 15.05
N ALA A 249 -0.08 4.01 15.50
CA ALA A 249 -0.45 2.81 14.76
C ALA A 249 -1.07 3.17 13.42
N PHE A 250 -1.85 4.24 13.38
CA PHE A 250 -2.45 4.73 12.17
C PHE A 250 -1.35 5.35 11.33
N ASP A 251 -0.54 6.21 11.89
CA ASP A 251 0.43 6.91 11.14
C ASP A 251 1.49 6.05 10.45
N VAL A 252 1.90 4.96 11.08
CA VAL A 252 2.97 4.16 10.53
C VAL A 252 2.48 3.37 9.29
N LEU A 253 1.18 3.21 9.12
CA LEU A 253 0.59 2.57 7.96
C LEU A 253 0.37 3.53 6.79
N GLY A 254 0.68 4.80 6.99
CA GLY A 254 0.36 5.82 5.98
C GLY A 254 -1.05 6.31 5.98
N CYS A 255 -1.80 6.00 7.03
CA CYS A 255 -3.17 6.48 7.16
C CYS A 255 -3.17 7.89 7.71
N THR A 256 -4.13 8.71 7.30
N THR A 256 -4.20 8.62 7.20
CA THR A 256 -4.15 10.06 7.89
CA THR A 256 -4.61 9.98 7.53
C THR A 256 -5.54 10.40 8.41
C THR A 256 -5.44 9.97 8.75
N ASP A 257 -5.49 11.15 9.56
N ASP A 257 -5.48 11.20 9.36
CA ASP A 257 -6.18 10.96 10.87
CA ASP A 257 -6.64 12.16 9.55
C ASP A 257 -7.67 11.14 10.82
C ASP A 257 -7.96 11.62 10.16
N TRP A 258 -8.32 10.30 10.04
CA TRP A 258 -9.72 9.99 10.13
C TRP A 258 -9.91 8.53 10.16
N GLY A 259 -10.42 7.98 11.23
CA GLY A 259 -10.64 6.51 11.28
C GLY A 259 -10.73 6.04 12.69
N ARG A 260 -10.57 4.74 12.91
CA ARG A 260 -10.51 4.15 14.23
C ARG A 260 -9.44 3.10 14.30
N ALA A 261 -8.83 2.95 15.45
CA ALA A 261 -7.84 1.90 15.71
C ALA A 261 -8.43 0.99 16.78
N ASP A 262 -8.46 -0.32 16.50
CA ASP A 262 -9.11 -1.29 17.34
C ASP A 262 -8.11 -2.08 18.11
N PHE A 263 -8.36 -2.33 19.41
CA PHE A 263 -7.39 -3.05 20.21
C PHE A 263 -8.01 -3.81 21.35
N MET A 264 -7.31 -4.87 21.80
CA MET A 264 -7.66 -5.66 22.95
C MET A 264 -6.64 -5.35 24.06
N LEU A 265 -7.12 -5.45 25.33
CA LEU A 265 -6.21 -5.55 26.45
C LEU A 265 -6.21 -6.96 27.00
N ASP A 266 -5.03 -7.40 27.49
CA ASP A 266 -4.97 -8.65 28.22
C ASP A 266 -5.24 -8.42 29.72
N ALA A 267 -5.12 -9.45 30.53
CA ALA A 267 -5.28 -9.39 31.96
C ALA A 267 -4.30 -8.51 32.65
N ALA A 268 -3.11 -8.35 32.10
CA ALA A 268 -2.12 -7.46 32.68
C ALA A 268 -2.31 -6.05 32.24
N GLY A 269 -3.29 -5.78 31.37
CA GLY A 269 -3.57 -4.43 30.94
C GLY A 269 -2.71 -3.95 29.76
N ASN A 270 -2.06 -4.89 29.05
CA ASN A 270 -1.26 -4.52 27.90
C ASN A 270 -2.14 -4.52 26.67
N PRO A 271 -1.91 -3.54 25.77
CA PRO A 271 -2.74 -3.46 24.57
C PRO A 271 -2.13 -4.24 23.34
N TYR A 272 -3.06 -4.66 22.48
CA TYR A 272 -2.65 -5.39 21.26
C TYR A 272 -3.67 -4.92 20.19
N PHE A 273 -3.10 -4.23 19.19
CA PHE A 273 -3.92 -3.67 18.14
C PHE A 273 -4.33 -4.73 17.11
N LEU A 274 -5.55 -4.73 16.68
CA LEU A 274 -6.09 -5.70 15.72
C LEU A 274 -6.11 -5.19 14.30
N GLU A 275 -6.57 -3.94 14.09
CA GLU A 275 -6.66 -3.35 12.74
C GLU A 275 -6.91 -1.86 12.88
N VAL A 276 -6.74 -1.15 11.80
CA VAL A 276 -7.31 0.19 11.63
C VAL A 276 -8.50 0.06 10.73
N ASN A 277 -9.34 1.10 10.81
CA ASN A 277 -10.53 1.28 10.00
C ASN A 277 -10.46 2.68 9.47
N THR A 278 -10.29 2.81 8.14
CA THR A 278 -10.10 4.09 7.50
C THR A 278 -11.43 4.63 6.92
N ALA A 279 -12.54 3.94 7.16
CA ALA A 279 -13.87 4.32 6.64
C ALA A 279 -14.99 4.11 7.69
N PRO A 280 -14.83 4.72 8.87
CA PRO A 280 -15.80 4.47 9.89
C PRO A 280 -17.20 5.05 9.54
N GLY A 281 -18.20 4.54 10.21
CA GLY A 281 -19.56 5.00 9.97
C GLY A 281 -19.84 6.42 10.44
N MET A 282 -20.87 7.03 9.87
CA MET A 282 -21.30 8.34 10.22
C MET A 282 -22.78 8.40 10.30
N THR A 283 -23.38 7.28 10.69
CA THR A 283 -24.81 7.27 11.03
C THR A 283 -24.99 7.94 12.41
N ASP A 284 -26.24 8.18 12.79
CA ASP A 284 -26.49 8.77 14.17
C ASP A 284 -26.30 7.77 15.27
N HIS A 285 -25.93 6.54 14.96
CA HIS A 285 -25.57 5.58 16.04
C HIS A 285 -24.14 5.11 15.87
N SER A 286 -23.35 5.76 15.02
CA SER A 286 -21.98 5.33 14.75
C SER A 286 -21.02 5.85 15.79
N LEU A 287 -19.84 5.25 15.87
CA LEU A 287 -18.92 5.55 16.96
C LEU A 287 -18.23 6.89 16.89
N PRO A 288 -17.79 7.37 15.74
CA PRO A 288 -17.13 8.73 15.80
C PRO A 288 -18.09 9.86 16.27
N PRO A 289 -19.33 9.88 15.79
CA PRO A 289 -20.21 10.94 16.31
C PRO A 289 -20.41 10.83 17.86
N LYS A 290 -20.46 9.62 18.38
CA LYS A 290 -20.63 9.40 19.84
C LYS A 290 -19.43 9.90 20.57
N ALA A 291 -18.23 9.51 20.13
CA ALA A 291 -17.02 9.98 20.76
C ALA A 291 -16.92 11.52 20.74
N ALA A 292 -17.26 12.10 19.57
CA ALA A 292 -17.26 13.57 19.45
C ALA A 292 -18.28 14.24 20.38
N ARG A 293 -19.50 13.70 20.43
CA ARG A 293 -20.59 14.28 21.29
C ARG A 293 -20.15 14.22 22.77
N ALA A 294 -19.32 13.22 23.14
CA ALA A 294 -18.84 13.08 24.53
C ALA A 294 -17.89 14.20 24.91
N VAL A 295 -17.29 14.93 23.97
CA VAL A 295 -16.41 16.04 24.22
C VAL A 295 -17.01 17.35 23.69
N GLY A 296 -18.31 17.33 23.45
CA GLY A 296 -19.04 18.59 23.14
C GLY A 296 -19.07 18.97 21.70
N ILE A 297 -18.59 18.09 20.80
CA ILE A 297 -18.49 18.34 19.36
C ILE A 297 -19.70 17.68 18.74
N GLY A 298 -20.57 18.50 18.14
CA GLY A 298 -21.71 17.98 17.48
C GLY A 298 -21.40 17.51 16.10
N TYR A 299 -22.41 16.93 15.51
CA TYR A 299 -22.24 16.18 14.28
C TYR A 299 -21.71 17.06 13.14
N SER A 300 -22.35 18.20 12.92
CA SER A 300 -21.94 19.05 11.82
C SER A 300 -20.52 19.55 12.08
N GLU A 301 -20.22 19.89 13.34
CA GLU A 301 -18.86 20.30 13.63
C GLU A 301 -17.80 19.23 13.30
N LEU A 302 -18.14 17.98 13.65
CA LEU A 302 -17.25 16.86 13.39
C LEU A 302 -17.02 16.72 11.84
N VAL A 303 -18.10 16.75 11.08
CA VAL A 303 -17.92 16.60 9.62
C VAL A 303 -17.08 17.72 9.02
N VAL A 304 -17.30 18.93 9.49
CA VAL A 304 -16.57 20.07 8.99
C VAL A 304 -15.12 19.92 9.36
N LYS A 305 -14.83 19.46 10.58
CA LYS A 305 -13.46 19.26 10.98
C LYS A 305 -12.75 18.22 10.10
N VAL A 306 -13.42 17.12 9.79
CA VAL A 306 -12.82 16.10 8.98
C VAL A 306 -12.54 16.67 7.56
N LEU A 307 -13.51 17.41 7.03
CA LEU A 307 -13.36 18.01 5.69
C LEU A 307 -12.28 19.07 5.69
N SER A 308 -12.07 19.76 6.81
CA SER A 308 -11.03 20.80 6.87
C SER A 308 -9.59 20.27 6.59
N LEU A 309 -9.39 19.00 6.82
CA LEU A 309 -8.09 18.37 6.57
C LEU A 309 -7.74 18.27 5.09
N THR A 310 -8.74 18.42 4.22
CA THR A 310 -8.54 18.48 2.80
C THR A 310 -8.19 19.85 2.28
N LEU A 311 -8.18 20.88 3.13
CA LEU A 311 -7.75 22.22 2.72
C LEU A 311 -6.20 22.16 2.84
N ASP A 312 -5.52 22.99 2.13
CA ASP A 312 -4.08 23.02 2.27
C ASP A 312 -3.36 21.65 2.15
N ILE B 4 -2.93 -16.39 -26.84
CA ILE B 4 -2.30 -17.01 -28.07
C ILE B 4 -2.80 -16.30 -29.31
N ASP B 5 -4.09 -16.45 -29.62
CA ASP B 5 -4.67 -15.79 -30.75
C ASP B 5 -4.71 -14.30 -30.37
N PRO B 6 -4.07 -13.40 -31.15
CA PRO B 6 -4.03 -11.99 -30.73
C PRO B 6 -5.40 -11.33 -30.54
N LYS B 7 -6.44 -11.89 -31.16
CA LYS B 7 -7.81 -11.37 -31.03
C LYS B 7 -8.32 -11.51 -29.63
N ARG B 8 -7.79 -12.46 -28.89
CA ARG B 8 -8.23 -12.66 -27.51
C ARG B 8 -7.84 -11.51 -26.58
N PHE B 9 -6.85 -10.73 -26.98
CA PHE B 9 -6.44 -9.57 -26.22
C PHE B 9 -7.42 -8.39 -26.43
N GLY B 10 -8.17 -8.42 -27.55
CA GLY B 10 -9.10 -7.40 -27.82
C GLY B 10 -8.40 -6.09 -28.07
N LYS B 11 -9.08 -5.00 -27.73
CA LYS B 11 -8.57 -3.67 -27.95
C LYS B 11 -7.70 -3.24 -26.75
N VAL B 12 -6.40 -3.02 -27.02
CA VAL B 12 -5.43 -2.81 -26.02
C VAL B 12 -4.84 -1.43 -26.01
N ALA B 13 -4.78 -0.85 -24.80
CA ALA B 13 -4.10 0.43 -24.69
C ALA B 13 -2.65 0.20 -24.23
N VAL B 14 -1.73 1.01 -24.73
CA VAL B 14 -0.38 1.04 -24.13
C VAL B 14 -0.39 2.38 -23.49
N LEU B 15 -0.37 2.37 -22.16
CA LEU B 15 -0.46 3.63 -21.40
C LEU B 15 0.96 4.21 -21.45
N LEU B 16 1.01 5.51 -22.07
CA LEU B 16 2.49 5.94 -22.23
C LEU B 16 2.54 7.47 -22.05
N GLY B 17 3.75 7.99 -21.72
CA GLY B 17 3.87 9.47 -21.63
C GLY B 17 3.59 9.96 -20.23
N GLY B 18 2.38 10.47 -19.99
CA GLY B 18 2.03 11.03 -18.71
C GLY B 18 2.67 12.38 -18.43
N ASP B 19 2.59 12.81 -17.17
CA ASP B 19 2.95 14.13 -16.70
C ASP B 19 4.23 14.23 -15.88
N SER B 20 4.82 13.08 -15.57
CA SER B 20 6.00 13.03 -14.70
C SER B 20 7.26 13.56 -15.35
N ALA B 21 8.28 13.79 -14.55
CA ALA B 21 9.58 14.26 -15.02
C ALA B 21 10.28 13.20 -15.82
N GLU B 22 9.69 12.02 -15.94
CA GLU B 22 10.24 10.90 -16.75
C GLU B 22 9.32 10.62 -17.89
N ARG B 23 8.56 11.64 -18.35
CA ARG B 23 7.67 11.46 -19.50
C ARG B 23 8.47 10.90 -20.73
N GLU B 24 9.65 11.44 -20.99
CA GLU B 24 10.37 10.96 -22.22
C GLU B 24 10.90 9.53 -22.05
N VAL B 25 11.35 9.12 -20.84
CA VAL B 25 11.67 7.69 -20.62
C VAL B 25 10.42 6.81 -21.04
N SER B 26 9.23 7.17 -20.54
CA SER B 26 8.00 6.43 -20.80
C SER B 26 7.57 6.47 -22.24
N LEU B 27 7.72 7.64 -22.89
CA LEU B 27 7.42 7.70 -24.34
C LEU B 27 8.24 6.66 -25.08
N ASN B 28 9.52 6.59 -24.75
CA ASN B 28 10.43 5.59 -25.49
C ASN B 28 10.07 4.18 -25.23
N SER B 29 9.82 3.88 -23.97
CA SER B 29 9.40 2.52 -23.58
C SER B 29 8.08 2.15 -24.29
N GLY B 30 7.10 3.02 -24.17
CA GLY B 30 5.77 2.72 -24.75
C GLY B 30 5.80 2.63 -26.29
N ARG B 31 6.62 3.48 -26.94
CA ARG B 31 6.86 3.32 -28.45
C ARG B 31 7.26 1.89 -28.75
N LEU B 32 8.21 1.37 -27.97
CA LEU B 32 8.73 0.03 -28.27
C LEU B 32 7.75 -1.08 -27.91
N VAL B 33 7.08 -0.93 -26.78
CA VAL B 33 6.07 -1.88 -26.35
C VAL B 33 4.96 -1.99 -27.36
N LEU B 34 4.51 -0.80 -27.80
CA LEU B 34 3.48 -0.71 -28.84
C LEU B 34 3.93 -1.51 -30.08
N GLN B 35 5.12 -1.26 -30.54
CA GLN B 35 5.63 -2.01 -31.75
C GLN B 35 5.71 -3.48 -31.46
N GLY B 36 6.13 -3.87 -30.27
CA GLY B 36 6.17 -5.29 -29.92
C GLY B 36 4.85 -6.00 -29.94
N LEU B 37 3.83 -5.32 -29.42
CA LEU B 37 2.50 -5.89 -29.44
C LEU B 37 1.95 -5.90 -30.88
N ARG B 38 2.22 -4.86 -31.66
CA ARG B 38 1.69 -4.81 -33.04
C ARG B 38 2.39 -5.86 -33.91
N ASP B 39 3.66 -6.15 -33.62
CA ASP B 39 4.38 -7.24 -34.35
C ASP B 39 3.70 -8.57 -34.15
N ALA B 40 2.98 -8.73 -33.03
CA ALA B 40 2.26 -9.94 -32.73
C ALA B 40 0.82 -9.91 -33.22
N GLY B 41 0.46 -8.86 -33.96
CA GLY B 41 -0.87 -8.71 -34.50
C GLY B 41 -1.91 -8.28 -33.50
N ILE B 42 -1.48 -7.65 -32.40
CA ILE B 42 -2.47 -7.27 -31.35
C ILE B 42 -2.99 -5.89 -31.65
N ASP B 43 -4.29 -5.67 -31.39
CA ASP B 43 -4.99 -4.39 -31.67
C ASP B 43 -4.60 -3.38 -30.57
N ALA B 44 -3.40 -2.88 -30.67
CA ALA B 44 -2.84 -2.06 -29.62
C ALA B 44 -2.67 -0.65 -30.09
N HIS B 45 -2.93 0.29 -29.15
CA HIS B 45 -2.95 1.72 -29.47
C HIS B 45 -2.37 2.49 -28.32
N PRO B 46 -1.63 3.56 -28.63
CA PRO B 46 -1.08 4.41 -27.59
C PRO B 46 -2.18 5.23 -26.91
N PHE B 47 -2.01 5.43 -25.59
CA PHE B 47 -3.01 6.25 -24.83
C PHE B 47 -2.15 7.03 -23.86
N ASP B 48 -2.03 8.35 -24.06
CA ASP B 48 -1.23 9.16 -23.18
C ASP B 48 -2.21 9.79 -22.26
N PRO B 49 -2.33 9.29 -21.02
CA PRO B 49 -3.38 9.88 -20.12
C PRO B 49 -3.16 11.32 -19.81
N ALA B 50 -2.04 11.89 -20.18
CA ALA B 50 -1.85 13.30 -19.98
C ALA B 50 -2.49 14.07 -21.09
N GLN B 51 -2.69 13.42 -22.23
CA GLN B 51 -3.22 13.95 -23.51
CA GLN B 51 -3.22 14.18 -23.35
C GLN B 51 -4.73 13.96 -23.52
N ARG B 52 -5.23 12.81 -23.07
CA ARG B 52 -6.61 12.43 -23.19
C ARG B 52 -7.20 11.71 -21.95
N PRO B 53 -8.42 11.06 -22.03
CA PRO B 53 -9.39 10.75 -20.95
C PRO B 53 -9.75 9.31 -20.52
N LEU B 54 -9.60 9.07 -19.27
CA LEU B 54 -9.50 7.67 -18.77
C LEU B 54 -10.74 6.82 -18.97
N ALA B 55 -11.92 7.45 -18.79
CA ALA B 55 -13.17 6.75 -18.96
C ALA B 55 -13.37 6.14 -20.36
N ALA B 56 -12.68 6.70 -21.35
CA ALA B 56 -12.62 6.14 -22.71
C ALA B 56 -12.22 4.68 -22.76
N LEU B 57 -11.43 4.18 -21.81
CA LEU B 57 -11.08 2.77 -21.87
C LEU B 57 -12.37 1.94 -21.77
N LYS B 58 -13.24 2.22 -20.80
CA LYS B 58 -14.45 1.43 -20.62
C LYS B 58 -15.43 1.68 -21.76
N ASP B 59 -15.47 2.95 -22.20
CA ASP B 59 -16.40 3.43 -23.21
C ASP B 59 -16.04 3.18 -24.64
N GLU B 60 -14.80 3.58 -24.97
CA GLU B 60 -14.26 3.56 -26.37
C GLU B 60 -13.62 2.24 -26.67
N GLY B 61 -13.93 1.22 -25.90
CA GLY B 61 -13.64 -0.14 -26.31
C GLY B 61 -12.41 -0.79 -25.70
N PHE B 62 -11.51 -0.05 -25.06
CA PHE B 62 -10.30 -0.68 -24.51
C PHE B 62 -10.62 -1.59 -23.33
N VAL B 63 -10.21 -2.83 -23.40
CA VAL B 63 -10.54 -3.83 -22.31
CA VAL B 63 -10.50 -3.95 -22.42
C VAL B 63 -9.30 -4.11 -21.40
N ARG B 64 -8.10 -3.81 -21.89
CA ARG B 64 -6.94 -3.99 -21.07
C ARG B 64 -5.87 -3.01 -21.44
N ALA B 65 -4.88 -2.94 -20.57
CA ALA B 65 -3.81 -1.97 -20.76
C ALA B 65 -2.45 -2.56 -20.37
N PHE B 66 -1.45 -2.24 -21.21
CA PHE B 66 -0.06 -2.48 -20.85
C PHE B 66 0.43 -1.16 -20.22
N ASN B 67 0.80 -1.22 -18.94
CA ASN B 67 1.36 -0.08 -18.29
C ASN B 67 2.83 0.22 -18.66
N ALA B 68 3.10 1.21 -19.54
CA ALA B 68 4.43 1.69 -19.85
C ALA B 68 4.67 3.07 -19.34
N LEU B 69 3.87 3.44 -18.30
CA LEU B 69 4.12 4.68 -17.58
C LEU B 69 5.36 4.57 -16.74
N HIS B 70 5.96 5.72 -16.46
CA HIS B 70 7.18 5.79 -15.63
C HIS B 70 7.06 7.02 -14.73
N GLY B 71 7.00 6.74 -13.45
CA GLY B 71 6.75 7.74 -12.42
C GLY B 71 5.30 8.14 -12.28
N GLY B 72 5.12 9.05 -11.37
CA GLY B 72 3.82 9.59 -11.11
C GLY B 72 2.71 8.59 -10.92
N TYR B 73 1.55 8.91 -11.52
CA TYR B 73 0.33 8.11 -11.33
C TYR B 73 0.46 6.69 -11.93
N GLY B 74 1.46 6.43 -12.73
CA GLY B 74 1.65 5.09 -13.29
C GLY B 74 2.37 4.09 -12.41
N GLU B 75 3.01 4.58 -11.37
CA GLU B 75 3.92 3.93 -10.48
CA GLU B 75 3.71 3.62 -10.50
C GLU B 75 3.36 3.79 -9.01
N ASN B 76 2.40 4.63 -8.67
CA ASN B 76 2.06 4.82 -7.25
C ASN B 76 0.77 4.17 -6.84
N GLY B 77 0.10 3.46 -7.71
CA GLY B 77 -1.17 2.85 -7.39
C GLY B 77 -2.37 3.59 -7.81
N GLN B 78 -2.19 4.87 -8.25
CA GLN B 78 -3.31 5.71 -8.57
C GLN B 78 -3.95 5.16 -9.82
N ILE B 79 -3.14 4.93 -10.87
CA ILE B 79 -3.78 4.50 -12.13
C ILE B 79 -4.28 3.05 -11.99
N GLN B 80 -3.61 2.24 -11.19
CA GLN B 80 -4.04 0.85 -10.92
C GLN B 80 -5.44 0.87 -10.23
N GLY B 81 -5.58 1.73 -9.23
CA GLY B 81 -6.85 1.88 -8.55
C GLY B 81 -7.95 2.37 -9.48
N ALA B 82 -7.62 3.36 -10.30
CA ALA B 82 -8.60 3.87 -11.20
C ALA B 82 -9.01 2.82 -12.26
N LEU B 83 -8.05 2.01 -12.79
CA LEU B 83 -8.36 1.00 -13.73
C LEU B 83 -9.23 -0.07 -13.11
N ASP B 84 -8.97 -0.44 -11.85
CA ASP B 84 -9.83 -1.40 -11.12
C ASP B 84 -11.25 -0.82 -10.99
N PHE B 85 -11.31 0.47 -10.64
CA PHE B 85 -12.62 1.15 -10.56
C PHE B 85 -13.40 1.08 -11.86
N TYR B 86 -12.70 1.29 -12.97
CA TYR B 86 -13.34 1.22 -14.34
C TYR B 86 -13.44 -0.19 -14.93
N GLY B 87 -13.00 -1.24 -14.22
CA GLY B 87 -13.05 -2.62 -14.74
C GLY B 87 -12.11 -2.93 -15.89
N ILE B 88 -10.99 -2.21 -16.01
CA ILE B 88 -10.03 -2.42 -17.14
C ILE B 88 -8.87 -3.19 -16.48
N ARG B 89 -8.60 -4.34 -17.10
CA ARG B 89 -7.44 -5.17 -16.70
C ARG B 89 -6.14 -4.47 -17.05
N TYR B 90 -5.08 -4.78 -16.26
CA TYR B 90 -3.80 -4.14 -16.52
C TYR B 90 -2.68 -5.06 -16.11
N THR B 91 -1.51 -4.85 -16.72
CA THR B 91 -0.30 -5.59 -16.43
C THR B 91 0.25 -5.15 -15.06
N GLY B 92 1.01 -6.06 -14.48
CA GLY B 92 1.70 -5.78 -13.26
C GLY B 92 0.90 -5.91 -11.98
N SER B 93 1.38 -5.20 -10.99
CA SER B 93 0.80 -5.32 -9.64
C SER B 93 -0.44 -4.48 -9.44
N GLY B 94 -1.25 -4.93 -8.49
CA GLY B 94 -2.39 -4.18 -7.98
C GLY B 94 -2.10 -3.00 -7.10
N VAL B 95 -3.14 -2.41 -6.48
CA VAL B 95 -3.03 -1.14 -5.78
C VAL B 95 -2.03 -1.26 -4.65
N LEU B 96 -2.18 -2.26 -3.79
CA LEU B 96 -1.30 -2.44 -2.62
C LEU B 96 0.14 -2.68 -3.06
N GLY B 97 0.35 -3.64 -3.97
CA GLY B 97 1.70 -3.88 -4.39
C GLY B 97 2.40 -2.74 -5.05
N SER B 98 1.65 -2.01 -5.89
CA SER B 98 2.18 -0.80 -6.47
C SER B 98 2.59 0.28 -5.47
N ALA B 99 1.59 0.65 -4.63
CA ALA B 99 1.82 1.70 -3.63
C ALA B 99 2.88 1.33 -2.58
N LEU B 100 2.84 0.07 -2.19
CA LEU B 100 3.82 -0.36 -1.20
C LEU B 100 5.21 -0.43 -1.83
N GLY B 101 5.29 -0.96 -3.05
CA GLY B 101 6.61 -1.04 -3.67
C GLY B 101 7.33 0.27 -3.92
N LEU B 102 6.54 1.35 -4.11
CA LEU B 102 7.14 2.66 -4.26
C LEU B 102 7.62 3.24 -2.94
N ASP B 103 7.13 2.71 -1.81
CA ASP B 103 7.49 3.20 -0.47
C ASP B 103 8.61 2.34 0.05
N LYS B 104 9.83 2.81 -0.09
CA LYS B 104 10.99 2.05 0.30
C LYS B 104 11.02 1.78 1.76
N PHE B 105 10.50 2.73 2.57
CA PHE B 105 10.44 2.52 4.03
C PHE B 105 9.54 1.42 4.40
N ARG B 106 8.31 1.44 3.99
CA ARG B 106 7.40 0.39 4.34
C ARG B 106 7.78 -0.95 3.72
N THR B 107 8.33 -0.91 2.49
CA THR B 107 8.86 -2.14 1.89
C THR B 107 9.90 -2.74 2.81
N LYS B 108 10.84 -1.96 3.25
CA LYS B 108 11.92 -2.50 4.10
C LYS B 108 11.41 -3.04 5.42
N LEU B 109 10.36 -2.39 5.99
CA LEU B 109 9.78 -2.94 7.22
C LEU B 109 9.21 -4.30 6.98
N VAL B 110 8.48 -4.48 5.91
CA VAL B 110 7.91 -5.76 5.61
C VAL B 110 9.02 -6.81 5.38
N TRP B 111 10.03 -6.43 4.64
CA TRP B 111 11.18 -7.33 4.44
C TRP B 111 11.80 -7.74 5.73
N GLN B 112 12.06 -6.81 6.61
CA GLN B 112 12.69 -7.17 7.89
C GLN B 112 11.87 -8.12 8.71
N GLN B 113 10.57 -8.10 8.56
CA GLN B 113 9.68 -9.01 9.30
C GLN B 113 9.48 -10.35 8.66
N THR B 114 9.90 -10.46 7.39
CA THR B 114 9.62 -11.68 6.63
C THR B 114 10.90 -12.38 6.16
N GLY B 115 12.03 -11.96 6.74
CA GLY B 115 13.30 -12.61 6.48
C GLY B 115 13.91 -12.29 5.14
N ILE B 116 13.52 -11.20 4.52
CA ILE B 116 14.13 -10.73 3.28
C ILE B 116 15.25 -9.81 3.65
N PRO B 117 16.49 -10.12 3.30
CA PRO B 117 17.61 -9.26 3.77
C PRO B 117 17.57 -7.91 3.04
N THR B 118 17.93 -6.87 3.77
CA THR B 118 17.88 -5.50 3.30
C THR B 118 18.92 -4.70 4.07
N PRO B 119 19.50 -3.62 3.56
CA PRO B 119 20.55 -2.97 4.33
C PRO B 119 20.02 -2.45 5.66
N PRO B 120 20.82 -2.51 6.73
CA PRO B 120 20.45 -1.79 7.96
C PRO B 120 20.22 -0.35 7.69
N PHE B 121 19.27 0.23 8.42
CA PHE B 121 18.93 1.59 8.15
C PHE B 121 18.38 2.31 9.38
N GLU B 122 18.37 3.64 9.25
CA GLU B 122 17.69 4.46 10.25
C GLU B 122 16.81 5.41 9.45
N THR B 123 15.81 6.01 10.10
CA THR B 123 14.95 6.99 9.44
C THR B 123 15.08 8.32 10.15
N VAL B 124 14.82 9.35 9.38
CA VAL B 124 14.84 10.75 9.79
C VAL B 124 13.58 11.34 9.20
N MET B 125 12.85 12.15 9.96
CA MET B 125 11.65 12.81 9.45
C MET B 125 12.02 14.27 9.18
N ARG B 126 11.36 14.84 8.18
CA ARG B 126 11.44 16.23 7.89
C ARG B 126 11.17 17.05 9.17
N GLY B 127 12.10 17.93 9.48
CA GLY B 127 12.01 18.79 10.71
C GLY B 127 12.75 18.29 11.95
N ASP B 128 13.36 17.08 11.85
CA ASP B 128 14.17 16.58 12.96
C ASP B 128 15.43 17.40 13.14
N ASP B 129 16.10 17.14 14.28
CA ASP B 129 17.39 17.72 14.53
C ASP B 129 18.38 16.94 13.77
N TYR B 130 18.71 17.44 12.57
CA TYR B 130 19.53 16.67 11.67
C TYR B 130 20.93 16.48 12.20
N ALA B 131 21.51 17.48 12.89
CA ALA B 131 22.89 17.29 13.44
C ALA B 131 22.92 16.19 14.51
N ALA B 132 21.90 16.15 15.37
CA ALA B 132 21.79 15.14 16.43
C ALA B 132 21.58 13.75 15.83
N ARG B 133 20.68 13.64 14.88
CA ARG B 133 20.43 12.36 14.22
CA ARG B 133 20.47 12.32 14.27
C ARG B 133 21.69 11.85 13.51
N ALA B 134 22.34 12.75 12.79
CA ALA B 134 23.50 12.40 11.94
C ALA B 134 24.65 11.78 12.70
N GLN B 135 25.01 12.37 13.83
CA GLN B 135 26.07 11.82 14.64
C GLN B 135 25.70 10.43 15.16
N ASP B 136 24.47 10.21 15.60
CA ASP B 136 24.08 8.93 16.11
C ASP B 136 24.04 7.87 14.90
N ILE B 137 23.61 8.31 13.74
CA ILE B 137 23.50 7.40 12.58
C ILE B 137 24.90 6.98 12.10
N VAL B 138 25.84 7.92 12.03
CA VAL B 138 27.21 7.58 11.66
C VAL B 138 27.81 6.62 12.69
N ALA B 139 27.54 6.87 13.97
CA ALA B 139 28.06 5.99 15.02
C ALA B 139 27.57 4.55 14.81
N LYS B 140 26.34 4.41 14.36
CA LYS B 140 25.74 3.09 14.20
C LYS B 140 26.12 2.46 12.91
N LEU B 141 26.09 3.20 11.79
CA LEU B 141 26.16 2.61 10.44
C LEU B 141 27.46 2.90 9.75
N GLY B 142 28.26 3.81 10.25
CA GLY B 142 29.46 4.24 9.58
C GLY B 142 29.21 5.05 8.34
N VAL B 143 30.28 5.36 7.65
CA VAL B 143 30.19 5.96 6.33
C VAL B 143 30.96 5.04 5.39
N PRO B 144 30.63 4.99 4.09
CA PRO B 144 29.57 5.72 3.50
C PRO B 144 28.16 5.22 3.76
N LEU B 145 27.22 6.11 3.48
CA LEU B 145 25.79 5.89 3.61
C LEU B 145 25.05 6.25 2.41
N PHE B 146 23.87 5.65 2.26
CA PHE B 146 22.94 6.04 1.25
C PHE B 146 21.78 6.72 1.95
N VAL B 147 21.53 7.95 1.49
CA VAL B 147 20.42 8.75 1.94
C VAL B 147 19.39 8.78 0.85
N LYS B 148 18.14 8.47 1.14
CA LYS B 148 17.13 8.44 0.13
C LYS B 148 15.74 8.81 0.66
N PRO B 149 15.01 9.62 -0.10
CA PRO B 149 13.62 9.84 0.24
C PRO B 149 12.85 8.57 0.22
N ALA B 150 11.93 8.32 1.11
CA ALA B 150 11.29 7.02 1.15
C ALA B 150 10.53 6.69 -0.09
N SER B 151 9.82 7.65 -0.62
CA SER B 151 9.00 7.38 -1.75
C SER B 151 9.42 8.53 -2.72
C SER B 151 9.13 8.06 -3.10
N GLU B 152 10.38 8.25 -3.54
CA GLU B 152 10.73 9.10 -4.67
C GLU B 152 11.28 8.15 -5.69
N GLY B 153 10.62 8.13 -6.86
CA GLY B 153 10.99 7.20 -7.93
C GLY B 153 12.24 7.56 -8.71
N SER B 154 12.67 6.55 -9.45
CA SER B 154 13.74 6.74 -10.46
C SER B 154 15.10 7.11 -9.86
N SER B 155 15.29 6.81 -8.56
CA SER B 155 16.52 7.13 -7.92
C SER B 155 16.81 8.60 -7.78
N VAL B 156 15.81 9.44 -8.04
CA VAL B 156 16.01 10.85 -7.85
C VAL B 156 16.27 11.11 -6.31
N ALA B 157 17.31 11.84 -6.03
CA ALA B 157 17.64 12.33 -4.74
C ALA B 157 18.23 11.26 -3.89
N VAL B 158 18.65 10.12 -4.46
CA VAL B 158 19.53 9.19 -3.72
C VAL B 158 20.93 9.75 -3.68
N GLU B 159 21.55 9.85 -2.53
CA GLU B 159 22.86 10.43 -2.36
C GLU B 159 23.73 9.47 -1.57
N LYS B 160 24.98 9.34 -2.02
CA LYS B 160 25.93 8.58 -1.28
C LYS B 160 26.74 9.61 -0.49
N VAL B 161 26.67 9.51 0.84
CA VAL B 161 27.36 10.45 1.75
C VAL B 161 28.62 9.76 2.19
N LYS B 162 29.77 10.39 1.90
CA LYS B 162 31.09 9.77 2.16
C LYS B 162 31.74 10.28 3.41
N SER B 163 31.20 11.37 3.97
CA SER B 163 31.82 11.89 5.18
C SER B 163 30.77 12.26 6.20
N ALA B 164 31.12 12.07 7.45
CA ALA B 164 30.22 12.28 8.56
C ALA B 164 29.74 13.71 8.62
N ASP B 165 30.64 14.66 8.37
CA ASP B 165 30.27 16.05 8.47
CA ASP B 165 30.30 16.07 8.44
C ASP B 165 29.28 16.50 7.36
N ALA B 166 29.19 15.74 6.27
CA ALA B 166 28.25 16.06 5.18
C ALA B 166 26.83 15.51 5.43
N LEU B 167 26.64 14.66 6.41
CA LEU B 167 25.35 13.99 6.58
C LEU B 167 24.21 14.95 7.00
N PRO B 168 24.44 15.88 7.94
CA PRO B 168 23.31 16.73 8.30
C PRO B 168 22.71 17.48 7.08
N ALA B 169 23.56 18.05 6.21
CA ALA B 169 23.00 18.71 5.01
C ALA B 169 22.29 17.75 4.07
N ALA B 170 22.82 16.55 3.90
CA ALA B 170 22.19 15.52 3.03
C ALA B 170 20.83 15.13 3.61
N LEU B 171 20.68 15.09 4.94
CA LEU B 171 19.37 14.81 5.55
C LEU B 171 18.36 15.91 5.23
N GLU B 172 18.77 17.16 5.40
CA GLU B 172 17.87 18.25 5.07
C GLU B 172 17.51 18.26 3.59
N GLU B 173 18.48 18.00 2.74
CA GLU B 173 18.23 17.92 1.27
C GLU B 173 17.24 16.85 0.88
N ALA B 174 17.45 15.64 1.45
CA ALA B 174 16.55 14.56 1.14
C ALA B 174 15.12 14.83 1.59
N ALA B 175 14.99 15.53 2.76
CA ALA B 175 13.67 15.84 3.38
C ALA B 175 12.86 16.79 2.51
N LYS B 176 13.50 17.46 1.56
CA LYS B 176 12.76 18.22 0.54
C LYS B 176 11.89 17.37 -0.36
N HIS B 177 12.28 16.11 -0.55
CA HIS B 177 11.60 15.22 -1.49
C HIS B 177 10.58 14.29 -0.81
N ASP B 178 10.67 14.10 0.50
CA ASP B 178 9.71 13.27 1.20
C ASP B 178 9.79 13.62 2.68
N LYS B 179 8.67 13.44 3.37
CA LYS B 179 8.65 13.58 4.83
C LYS B 179 9.42 12.53 5.56
N ILE B 180 9.70 11.37 4.94
CA ILE B 180 10.52 10.32 5.53
C ILE B 180 11.76 10.13 4.72
N VAL B 181 12.89 10.16 5.38
CA VAL B 181 14.19 9.92 4.75
C VAL B 181 14.80 8.65 5.36
N ILE B 182 15.22 7.75 4.48
CA ILE B 182 15.91 6.52 4.85
C ILE B 182 17.37 6.76 4.78
N VAL B 183 18.12 6.27 5.76
CA VAL B 183 19.56 6.32 5.70
C VAL B 183 20.06 4.88 5.87
N GLU B 184 20.62 4.33 4.79
CA GLU B 184 21.06 2.92 4.75
C GLU B 184 22.55 2.83 4.82
N LYS B 185 22.98 1.77 5.51
CA LYS B 185 24.36 1.39 5.38
C LYS B 185 24.71 1.01 3.90
N SER B 186 25.85 1.56 3.42
CA SER B 186 26.31 1.22 2.08
C SER B 186 26.84 -0.23 2.10
N ILE B 187 26.29 -1.07 1.24
CA ILE B 187 26.74 -2.42 1.07
C ILE B 187 27.88 -2.37 0.03
N GLU B 188 29.08 -2.75 0.49
CA GLU B 188 30.32 -2.64 -0.30
CA GLU B 188 30.23 -2.69 -0.40
C GLU B 188 30.95 -4.02 -0.51
N GLY B 189 31.83 -4.07 -1.49
CA GLY B 189 32.74 -5.19 -1.64
C GLY B 189 32.17 -6.38 -2.38
N GLY B 190 31.04 -6.21 -3.03
CA GLY B 190 30.44 -7.18 -3.82
C GLY B 190 29.91 -6.33 -4.99
C GLY B 190 30.16 -6.71 -5.23
N GLY B 191 28.93 -6.90 -5.63
CA GLY B 191 28.39 -6.39 -6.84
C GLY B 191 26.90 -6.00 -6.69
N GLU B 192 26.39 -5.47 -7.76
CA GLU B 192 24.98 -5.07 -7.86
C GLU B 192 24.25 -5.92 -8.86
N TYR B 193 23.05 -6.35 -8.62
CA TYR B 193 22.30 -7.28 -9.39
C TYR B 193 20.86 -6.92 -9.57
N THR B 194 20.15 -7.40 -10.54
CA THR B 194 18.72 -7.37 -10.61
C THR B 194 18.14 -8.68 -11.01
N ALA B 195 16.99 -9.07 -10.52
CA ALA B 195 16.19 -10.19 -10.87
C ALA B 195 14.93 -9.77 -11.56
N CYS B 196 14.83 -10.00 -12.88
CA CYS B 196 13.63 -9.72 -13.63
C CYS B 196 12.63 -10.79 -13.40
N ILE B 197 11.38 -10.44 -13.21
CA ILE B 197 10.28 -11.32 -12.93
C ILE B 197 9.23 -11.09 -13.98
N ALA B 198 8.90 -12.17 -14.69
CA ALA B 198 7.89 -12.06 -15.74
C ALA B 198 7.17 -13.36 -15.80
N ALA B 199 6.00 -13.41 -15.21
CA ALA B 199 5.22 -14.60 -15.14
C ALA B 199 6.08 -15.75 -14.55
N ASP B 200 6.03 -16.92 -15.17
CA ASP B 200 6.87 -18.06 -14.80
C ASP B 200 8.13 -18.16 -15.63
N LEU B 201 8.47 -17.15 -16.44
CA LEU B 201 9.68 -17.22 -17.25
C LEU B 201 10.94 -17.31 -16.33
N ASP B 202 11.89 -18.16 -16.72
CA ASP B 202 13.13 -18.29 -15.99
C ASP B 202 14.15 -17.32 -16.55
N LEU B 203 14.17 -16.09 -16.08
CA LEU B 203 15.06 -15.06 -16.57
C LEU B 203 16.32 -15.05 -15.76
N PRO B 204 17.49 -14.90 -16.38
CA PRO B 204 18.74 -14.91 -15.63
C PRO B 204 18.92 -13.61 -14.84
N LEU B 205 19.66 -13.68 -13.75
CA LEU B 205 20.15 -12.47 -13.10
C LEU B 205 21.03 -11.64 -14.02
N ILE B 206 21.05 -10.34 -13.84
CA ILE B 206 21.92 -9.44 -14.52
C ILE B 206 22.83 -8.81 -13.52
N ARG B 207 24.11 -8.75 -13.69
CA ARG B 207 25.06 -7.90 -12.88
C ARG B 207 25.16 -6.55 -13.53
N ILE B 208 24.95 -5.49 -12.73
CA ILE B 208 24.98 -4.13 -13.18
C ILE B 208 26.25 -3.50 -12.73
N VAL B 209 27.02 -2.94 -13.68
CA VAL B 209 28.28 -2.31 -13.36
C VAL B 209 28.25 -0.88 -13.84
N PRO B 210 27.85 0.08 -12.98
CA PRO B 210 27.91 1.49 -13.36
C PRO B 210 29.31 2.01 -13.66
N ALA B 211 29.45 2.99 -14.58
CA ALA B 211 30.77 3.63 -14.81
C ALA B 211 31.19 4.55 -13.67
N GLY B 212 30.18 5.13 -12.99
CA GLY B 212 30.46 6.10 -11.90
C GLY B 212 30.25 5.39 -10.56
N GLU B 213 29.97 6.18 -9.52
CA GLU B 213 29.95 5.67 -8.14
CA GLU B 213 29.94 5.70 -8.15
C GLU B 213 28.84 4.67 -7.91
N PHE B 214 27.66 4.95 -8.44
CA PHE B 214 26.51 4.06 -8.18
C PHE B 214 25.52 4.10 -9.34
N TYR B 215 24.49 3.31 -9.28
CA TYR B 215 23.55 3.17 -10.35
C TYR B 215 22.46 4.23 -10.17
N ASP B 216 22.84 5.47 -10.50
CA ASP B 216 22.02 6.66 -10.24
C ASP B 216 21.11 6.94 -11.43
N TYR B 217 20.30 7.97 -11.32
CA TYR B 217 19.42 8.38 -12.40
C TYR B 217 20.21 8.57 -13.73
N HIS B 218 21.33 9.24 -13.64
CA HIS B 218 22.13 9.47 -14.80
C HIS B 218 22.58 8.11 -15.47
N ALA B 219 23.03 7.19 -14.62
CA ALA B 219 23.49 5.90 -15.13
C ALA B 219 22.34 5.11 -15.73
N LYS B 220 21.15 5.19 -15.15
CA LYS B 220 20.00 4.48 -15.61
C LYS B 220 19.40 5.00 -16.89
N TYR B 221 19.28 6.31 -17.01
CA TYR B 221 18.43 6.90 -18.03
C TYR B 221 19.11 7.80 -19.07
N ILE B 222 20.31 8.27 -18.75
CA ILE B 222 20.95 9.28 -19.63
C ILE B 222 22.17 8.61 -20.26
N ALA B 223 23.09 8.13 -19.44
CA ALA B 223 24.38 7.57 -19.90
C ALA B 223 24.13 6.25 -20.60
N ASN B 224 25.09 5.94 -21.47
CA ASN B 224 25.17 4.71 -22.22
C ASN B 224 26.34 3.86 -21.76
N ASP B 225 26.97 4.07 -20.60
CA ASP B 225 28.21 3.35 -20.32
C ASP B 225 28.13 2.45 -19.08
N THR B 226 26.93 2.17 -18.59
CA THR B 226 26.69 1.10 -17.63
C THR B 226 26.84 -0.21 -18.34
N GLN B 227 27.53 -1.13 -17.68
CA GLN B 227 27.71 -2.49 -18.24
CA GLN B 227 27.73 -2.48 -18.25
C GLN B 227 26.72 -3.44 -17.60
N TYR B 228 26.18 -4.35 -18.40
CA TYR B 228 25.20 -5.32 -17.95
C TYR B 228 25.77 -6.71 -18.28
N LEU B 229 25.98 -7.53 -17.30
CA LEU B 229 26.70 -8.79 -17.45
C LEU B 229 25.73 -9.95 -17.32
N ILE B 230 25.66 -10.80 -18.34
CA ILE B 230 24.80 -11.97 -18.33
C ILE B 230 25.55 -13.07 -19.09
N PRO B 231 25.86 -14.21 -18.48
CA PRO B 231 25.69 -14.57 -17.13
C PRO B 231 26.32 -13.56 -16.18
N CYS B 232 25.71 -13.49 -14.98
CA CYS B 232 26.03 -12.44 -14.00
C CYS B 232 27.32 -12.66 -13.24
N GLY B 233 27.91 -13.85 -13.37
CA GLY B 233 29.15 -14.17 -12.69
C GLY B 233 29.03 -15.00 -11.44
N LEU B 234 27.81 -15.21 -10.96
CA LEU B 234 27.60 -16.06 -9.82
C LEU B 234 27.44 -17.48 -10.28
N ASP B 235 27.83 -18.41 -9.42
CA ASP B 235 27.67 -19.81 -9.78
C ASP B 235 26.18 -20.20 -9.79
N ALA B 236 25.86 -21.34 -10.33
CA ALA B 236 24.49 -21.76 -10.55
C ALA B 236 23.72 -21.84 -9.22
N ALA B 237 24.34 -22.35 -8.18
CA ALA B 237 23.68 -22.49 -6.87
C ALA B 237 23.26 -21.15 -6.34
N LYS B 238 24.20 -20.23 -6.33
CA LYS B 238 23.93 -18.92 -5.82
C LYS B 238 22.88 -18.21 -6.64
N GLU B 239 22.95 -18.28 -7.95
CA GLU B 239 21.95 -17.60 -8.77
C GLU B 239 20.58 -18.15 -8.49
N ALA B 240 20.45 -19.48 -8.35
CA ALA B 240 19.15 -20.08 -8.08
C ALA B 240 18.63 -19.57 -6.71
N GLU B 241 19.52 -19.53 -5.72
CA GLU B 241 19.14 -19.11 -4.41
C GLU B 241 18.62 -17.64 -4.42
N PHE B 242 19.36 -16.77 -5.11
CA PHE B 242 18.97 -15.39 -5.14
C PHE B 242 17.73 -15.15 -5.94
N LYS B 243 17.55 -15.86 -7.04
CA LYS B 243 16.29 -15.78 -7.77
C LYS B 243 15.07 -16.15 -6.89
N ARG B 244 15.25 -17.17 -6.02
CA ARG B 244 14.19 -17.58 -5.15
C ARG B 244 13.86 -16.48 -4.12
N ILE B 245 14.92 -15.94 -3.49
CA ILE B 245 14.71 -14.87 -2.46
C ILE B 245 14.09 -13.67 -3.19
N ALA B 246 14.53 -13.31 -4.39
CA ALA B 246 14.00 -12.16 -5.08
C ALA B 246 12.56 -12.30 -5.33
N ARG B 247 12.11 -13.50 -5.74
CA ARG B 247 10.69 -13.71 -5.97
C ARG B 247 9.89 -13.56 -4.68
N ARG B 248 10.44 -14.09 -3.59
CA ARG B 248 9.77 -13.93 -2.30
C ARG B 248 9.72 -12.45 -1.91
N ALA B 249 10.80 -11.74 -2.16
CA ALA B 249 10.82 -10.29 -1.82
C ALA B 249 9.76 -9.49 -2.55
N PHE B 250 9.52 -9.85 -3.81
CA PHE B 250 8.46 -9.25 -4.58
C PHE B 250 7.10 -9.69 -4.06
N ASP B 251 6.91 -11.00 -3.83
CA ASP B 251 5.63 -11.49 -3.48
C ASP B 251 5.15 -10.98 -2.10
N VAL B 252 6.06 -10.84 -1.13
CA VAL B 252 5.62 -10.52 0.22
C VAL B 252 5.05 -9.09 0.28
N LEU B 253 5.38 -8.26 -0.71
CA LEU B 253 4.85 -6.88 -0.79
C LEU B 253 3.48 -6.81 -1.46
N GLY B 254 2.96 -7.93 -1.93
CA GLY B 254 1.72 -7.93 -2.67
C GLY B 254 1.90 -7.66 -4.16
N CYS B 255 3.16 -7.68 -4.62
CA CYS B 255 3.44 -7.48 -6.01
C CYS B 255 3.25 -8.77 -6.76
N THR B 256 2.83 -8.66 -8.01
CA THR B 256 2.64 -9.87 -8.82
C THR B 256 3.07 -9.70 -10.22
N ASP B 257 3.40 -10.83 -10.85
CA ASP B 257 3.47 -11.00 -12.34
C ASP B 257 4.60 -10.37 -13.12
N TRP B 258 5.04 -9.17 -12.83
CA TRP B 258 5.91 -8.41 -13.69
C TRP B 258 6.68 -7.42 -12.91
N GLY B 259 7.98 -7.45 -12.91
CA GLY B 259 8.70 -6.46 -12.14
C GLY B 259 10.16 -6.82 -12.03
N ARG B 260 10.91 -6.16 -11.19
CA ARG B 260 12.28 -6.46 -10.94
C ARG B 260 12.51 -6.36 -9.46
N ALA B 261 13.47 -7.09 -8.92
CA ALA B 261 13.95 -6.95 -7.56
C ALA B 261 15.42 -6.62 -7.57
N ASP B 262 15.89 -5.58 -6.91
CA ASP B 262 17.18 -4.99 -7.03
C ASP B 262 17.98 -5.28 -5.80
N PHE B 263 19.22 -5.74 -5.90
CA PHE B 263 19.96 -6.12 -4.71
C PHE B 263 21.42 -5.90 -4.81
N MET B 264 22.13 -5.76 -3.71
CA MET B 264 23.54 -5.70 -3.62
C MET B 264 24.09 -6.92 -2.90
N LEU B 265 25.34 -7.29 -3.21
CA LEU B 265 26.05 -8.31 -2.41
C LEU B 265 27.13 -7.64 -1.63
N ASP B 266 27.32 -8.14 -0.38
CA ASP B 266 28.46 -7.72 0.43
C ASP B 266 29.69 -8.58 0.07
N ALA B 267 30.80 -8.30 0.76
CA ALA B 267 32.04 -9.01 0.53
C ALA B 267 31.97 -10.48 0.83
N ALA B 268 31.02 -10.97 1.58
CA ALA B 268 30.84 -12.38 1.87
C ALA B 268 29.88 -13.05 0.96
N GLY B 269 29.34 -12.26 -0.01
CA GLY B 269 28.39 -12.81 -0.94
C GLY B 269 26.92 -12.83 -0.48
N ASN B 270 26.62 -12.14 0.63
CA ASN B 270 25.23 -12.08 1.12
C ASN B 270 24.45 -11.00 0.33
N PRO B 271 23.21 -11.30 0.00
CA PRO B 271 22.39 -10.31 -0.76
C PRO B 271 21.63 -9.39 0.20
N TYR B 272 21.38 -8.17 -0.28
CA TYR B 272 20.56 -7.16 0.46
C TYR B 272 19.70 -6.45 -0.57
N PHE B 273 18.39 -6.61 -0.43
CA PHE B 273 17.46 -6.02 -1.40
C PHE B 273 17.26 -4.54 -1.12
N LEU B 274 17.29 -3.75 -2.17
CA LEU B 274 17.12 -2.30 -2.09
C LEU B 274 15.72 -1.87 -2.39
N GLU B 275 15.08 -2.39 -3.39
CA GLU B 275 13.73 -2.02 -3.78
C GLU B 275 13.20 -2.99 -4.81
N VAL B 276 11.94 -2.94 -5.13
CA VAL B 276 11.35 -3.54 -6.29
C VAL B 276 10.96 -2.48 -7.26
N ASN B 277 10.77 -2.93 -8.50
CA ASN B 277 10.29 -2.10 -9.60
C ASN B 277 9.06 -2.78 -10.11
N THR B 278 7.90 -2.13 -10.06
CA THR B 278 6.66 -2.70 -10.45
C THR B 278 6.22 -2.26 -11.84
N ALA B 279 7.06 -1.48 -12.56
CA ALA B 279 6.76 -1.10 -13.97
C ALA B 279 8.02 -0.98 -14.82
N PRO B 280 8.70 -2.12 -15.04
CA PRO B 280 9.97 -2.04 -15.70
C PRO B 280 9.92 -1.37 -17.08
N GLY B 281 10.99 -0.65 -17.38
CA GLY B 281 11.22 -0.07 -18.70
C GLY B 281 11.37 -1.11 -19.74
N MET B 282 11.04 -0.71 -20.96
CA MET B 282 11.04 -1.61 -22.05
C MET B 282 11.60 -0.89 -23.24
N THR B 283 12.55 0.02 -22.97
CA THR B 283 13.24 0.76 -24.00
C THR B 283 14.22 -0.26 -24.56
N ASP B 284 14.72 -0.05 -25.76
CA ASP B 284 15.61 -1.09 -26.41
C ASP B 284 16.83 -1.30 -25.50
N HIS B 285 17.09 -0.32 -24.64
CA HIS B 285 18.12 -0.34 -23.62
C HIS B 285 17.79 -1.14 -22.33
N SER B 286 16.55 -1.49 -22.09
CA SER B 286 16.15 -1.77 -20.71
C SER B 286 16.45 -3.23 -20.34
N LEU B 287 16.33 -3.52 -19.05
CA LEU B 287 16.86 -4.78 -18.53
C LEU B 287 16.05 -5.99 -18.79
N PRO B 288 14.74 -5.95 -18.70
CA PRO B 288 14.06 -7.21 -18.99
C PRO B 288 14.31 -7.77 -20.39
N PRO B 289 14.28 -6.89 -21.45
CA PRO B 289 14.61 -7.47 -22.77
C PRO B 289 15.98 -8.15 -22.83
N LYS B 290 16.98 -7.57 -22.17
CA LYS B 290 18.32 -8.17 -22.08
C LYS B 290 18.31 -9.54 -21.45
N ALA B 291 17.65 -9.63 -20.32
CA ALA B 291 17.58 -10.94 -19.63
C ALA B 291 16.81 -11.94 -20.47
N ALA B 292 15.76 -11.50 -21.13
CA ALA B 292 14.98 -12.37 -22.00
C ALA B 292 15.76 -12.87 -23.23
N ARG B 293 16.49 -11.95 -23.83
CA ARG B 293 17.28 -12.25 -25.08
C ARG B 293 18.38 -13.27 -24.71
N ALA B 294 18.90 -13.21 -23.46
CA ALA B 294 19.94 -14.20 -23.03
C ALA B 294 19.39 -15.62 -22.92
N VAL B 295 18.08 -15.82 -22.86
CA VAL B 295 17.49 -17.17 -22.80
C VAL B 295 16.61 -17.42 -24.03
N GLY B 296 16.88 -16.64 -25.07
CA GLY B 296 16.21 -16.89 -26.40
C GLY B 296 14.78 -16.38 -26.57
N ILE B 297 14.35 -15.51 -25.64
CA ILE B 297 13.02 -14.89 -25.68
C ILE B 297 13.16 -13.47 -26.26
N GLY B 298 12.51 -13.25 -27.38
CA GLY B 298 12.57 -11.99 -28.07
C GLY B 298 11.66 -10.97 -27.41
N TYR B 299 11.84 -9.71 -27.86
CA TYR B 299 11.13 -8.55 -27.31
C TYR B 299 9.63 -8.74 -27.43
N SER B 300 9.15 -9.06 -28.61
CA SER B 300 7.70 -9.17 -28.78
C SER B 300 7.14 -10.31 -27.96
N GLU B 301 7.86 -11.41 -27.91
CA GLU B 301 7.37 -12.53 -27.05
C GLU B 301 7.29 -12.13 -25.55
N LEU B 302 8.29 -11.38 -25.10
CA LEU B 302 8.28 -10.96 -23.69
C LEU B 302 7.04 -10.05 -23.37
N VAL B 303 6.78 -9.05 -24.23
CA VAL B 303 5.64 -8.11 -23.91
C VAL B 303 4.35 -8.91 -24.02
N VAL B 304 4.23 -9.80 -25.01
CA VAL B 304 3.04 -10.62 -25.08
C VAL B 304 2.84 -11.50 -23.86
N LYS B 305 3.90 -12.06 -23.33
CA LYS B 305 3.79 -12.89 -22.14
C LYS B 305 3.32 -12.02 -20.94
N VAL B 306 3.86 -10.82 -20.76
CA VAL B 306 3.42 -9.93 -19.66
C VAL B 306 1.91 -9.62 -19.79
N LEU B 307 1.49 -9.30 -21.02
CA LEU B 307 0.10 -9.02 -21.30
C LEU B 307 -0.78 -10.22 -21.11
N SER B 308 -0.27 -11.42 -21.40
CA SER B 308 -1.06 -12.68 -21.24
C SER B 308 -1.56 -12.91 -19.79
N LEU B 309 -0.86 -12.35 -18.82
CA LEU B 309 -1.26 -12.50 -17.44
C LEU B 309 -2.56 -11.73 -17.11
N THR B 310 -2.94 -10.80 -17.98
CA THR B 310 -4.22 -10.08 -17.83
C THR B 310 -5.39 -10.81 -18.46
N LEU B 311 -5.15 -11.94 -19.11
CA LEU B 311 -6.23 -12.84 -19.56
C LEU B 311 -6.48 -13.74 -18.33
N ASP B 312 -7.74 -14.07 -18.03
CA ASP B 312 -8.16 -14.74 -16.75
C ASP B 312 -7.19 -14.75 -15.56
P AMP C . -11.37 -8.72 13.47
O1P AMP C . -10.16 -9.38 12.99
O2P AMP C . -12.34 -8.27 12.51
O3P AMP C . -10.99 -7.53 14.39
O5' AMP C . -12.04 -9.67 14.51
C5' AMP C . -13.41 -9.49 14.96
C4' AMP C . -13.49 -9.51 16.47
O4' AMP C . -12.90 -10.75 16.98
C3' AMP C . -12.67 -8.45 17.21
O3' AMP C . -13.39 -7.22 17.24
C2' AMP C . -12.53 -9.08 18.60
O2' AMP C . -13.79 -9.09 19.32
C1' AMP C . -12.23 -10.51 18.20
N9 AMP C . -10.82 -10.77 18.00
C8 AMP C . -10.18 -10.82 16.79
N7 AMP C . -8.90 -11.12 16.97
C5 AMP C . -8.71 -11.26 18.32
C6 AMP C . -7.62 -11.64 19.09
N6 AMP C . -6.41 -11.96 18.60
N1 AMP C . -7.79 -11.73 20.44
C2 AMP C . -9.02 -11.48 20.96
N3 AMP C . -10.12 -11.13 20.31
C4 AMP C . -9.93 -11.02 18.95
MG MG D . -15.98 -2.62 6.79
S SO4 E . -25.54 17.14 17.50
O1 SO4 E . -24.41 16.60 18.22
O2 SO4 E . -25.25 17.38 16.12
O3 SO4 E . -25.85 18.37 18.23
O4 SO4 E . -26.66 16.17 17.63
C1 EDO F . -32.61 4.19 1.23
O1 EDO F . -31.62 3.97 2.18
C2 EDO F . -32.38 3.61 -0.12
O2 EDO F . -32.43 4.68 -1.04
C1 EDO G . -12.00 17.19 21.73
O1 EDO G . -11.83 17.13 23.15
C2 EDO G . -11.22 18.29 21.03
O2 EDO G . -9.82 18.34 21.23
C1 EDO H . -25.97 -3.00 18.71
O1 EDO H . -25.90 -3.89 19.85
C2 EDO H . -25.14 -3.59 17.58
O2 EDO H . -23.81 -3.38 17.89
P AMP I . 18.02 3.10 -5.17
O1P AMP I . 18.27 1.57 -5.28
O2P AMP I . 17.59 3.46 -3.79
O3P AMP I . 17.21 3.59 -6.28
O5' AMP I . 19.52 3.68 -5.31
C5' AMP I . 20.16 3.86 -6.57
C4' AMP I . 21.48 3.04 -6.57
O4' AMP I . 22.33 3.46 -5.49
C3' AMP I . 21.37 1.56 -6.45
O3' AMP I . 20.95 0.96 -7.67
C2' AMP I . 22.80 1.24 -6.05
O2' AMP I . 23.73 1.43 -7.14
C1' AMP I . 23.06 2.35 -5.05
N9 AMP I . 22.63 2.02 -3.67
C8 AMP I . 21.46 2.44 -3.12
N7 AMP I . 21.40 1.98 -1.84
C5 AMP I . 22.56 1.27 -1.61
C6 AMP I . 23.10 0.68 -0.51
N6 AMP I . 22.49 0.65 0.68
N1 AMP I . 24.30 0.10 -0.60
C2 AMP I . 25.03 0.18 -1.77
N3 AMP I . 24.54 0.76 -2.84
C4 AMP I . 23.35 1.32 -2.75
S SO4 J . 13.74 1.17 -15.27
O1 SO4 J . 15.13 0.74 -15.55
O2 SO4 J . 13.28 2.00 -16.42
O3 SO4 J . 13.74 1.95 -14.05
O4 SO4 J . 12.83 0.04 -15.21
#